data_2OMO
#
_entry.id   2OMO
#
_cell.length_a   50.155
_cell.length_b   99.248
_cell.length_c   192.672
_cell.angle_alpha   90.00
_cell.angle_beta   90.00
_cell.angle_gamma   90.00
#
_symmetry.space_group_name_H-M   'P 21 21 21'
#
loop_
_entity.id
_entity.type
_entity.pdbx_description
1 polymer DUF176
2 water water
#
_entity_poly.entity_id   1
_entity_poly.type   'polypeptide(L)'
_entity_poly.pdbx_seq_one_letter_code
;(MSE)GSSHHHHHHSSGRENLYFQGH(MSE)YVTIVYASVKTDKTEAFKEATR(MSE)NHEQSIREPGN(MSE)RFDILQ
SADDPTRFVLYEAYKTRKDAAAHKETAHYLTWRDTVADW(MSE)AEPRKGVIYGGLYPTGDDGS
;
_entity_poly.pdbx_strand_id   A,B,C,D,E,F,G,H
#
# COMPACT_ATOMS: atom_id res chain seq x y z
N ASN A 16 2.16 17.71 -57.18
CA ASN A 16 1.71 17.84 -55.76
C ASN A 16 1.24 16.48 -55.15
N LEU A 17 2.07 15.97 -54.25
CA LEU A 17 1.83 14.65 -53.64
C LEU A 17 1.21 14.75 -52.25
N TYR A 18 0.76 15.95 -51.86
CA TYR A 18 0.22 16.16 -50.52
C TYR A 18 -1.24 15.78 -50.56
N PHE A 19 -1.68 15.16 -49.47
CA PHE A 19 -3.09 14.86 -49.30
C PHE A 19 -3.72 15.92 -48.43
N GLN A 20 -5.02 16.01 -48.57
CA GLN A 20 -5.81 16.86 -47.71
CA GLN A 20 -5.85 16.84 -47.75
C GLN A 20 -5.69 16.38 -46.27
N GLY A 21 -5.41 17.32 -45.37
CA GLY A 21 -5.37 16.99 -43.92
C GLY A 21 -6.78 16.96 -43.31
N HIS A 22 -6.93 16.22 -42.21
CA HIS A 22 -8.18 16.15 -41.47
C HIS A 22 -8.01 16.50 -39.98
N TYR A 24 -4.79 18.76 -37.73
CA TYR A 24 -3.55 19.50 -37.80
C TYR A 24 -2.70 19.01 -36.62
N VAL A 25 -1.53 18.44 -36.90
CA VAL A 25 -0.67 17.86 -35.86
C VAL A 25 0.72 18.46 -35.85
N THR A 26 1.21 18.72 -34.65
CA THR A 26 2.61 19.16 -34.46
C THR A 26 3.21 18.18 -33.49
N ILE A 27 4.23 17.47 -33.93
CA ILE A 27 4.97 16.62 -33.00
C ILE A 27 6.12 17.45 -32.45
N VAL A 28 6.10 17.69 -31.14
CA VAL A 28 7.12 18.55 -30.54
C VAL A 28 8.14 17.70 -29.80
N TYR A 29 9.40 17.84 -30.19
CA TYR A 29 10.49 17.08 -29.58
C TYR A 29 11.27 17.93 -28.58
N ALA A 30 11.39 17.42 -27.35
CA ALA A 30 12.09 18.18 -26.31
C ALA A 30 13.16 17.34 -25.66
N SER A 31 14.39 17.86 -25.62
CA SER A 31 15.51 17.24 -24.89
C SER A 31 15.75 18.13 -23.66
N VAL A 32 15.66 17.50 -22.51
CA VAL A 32 15.62 18.18 -21.23
C VAL A 32 16.95 17.93 -20.52
N LYS A 33 17.41 18.92 -19.75
CA LYS A 33 18.58 18.78 -18.89
C LYS A 33 18.37 17.62 -17.93
N THR A 34 19.43 16.85 -17.74
CA THR A 34 19.40 15.60 -17.01
C THR A 34 18.78 15.75 -15.58
N ASP A 35 18.97 16.90 -14.95
CA ASP A 35 18.47 17.03 -13.59
C ASP A 35 17.16 17.85 -13.49
N LYS A 36 16.46 17.95 -14.61
CA LYS A 36 15.19 18.67 -14.70
C LYS A 36 14.06 17.85 -15.35
N THR A 37 14.28 16.56 -15.48
CA THR A 37 13.22 15.68 -16.06
C THR A 37 11.91 15.70 -15.26
N GLU A 38 12.01 15.65 -13.93
CA GLU A 38 10.78 15.64 -13.07
C GLU A 38 10.16 17.01 -13.13
N ALA A 39 11.00 18.05 -13.09
CA ALA A 39 10.52 19.42 -13.17
C ALA A 39 9.78 19.61 -14.50
N PHE A 40 10.37 19.09 -15.57
CA PHE A 40 9.76 19.27 -16.88
C PHE A 40 8.42 18.52 -16.99
N LYS A 41 8.35 17.30 -16.44
CA LYS A 41 7.09 16.53 -16.43
C LYS A 41 5.99 17.26 -15.72
N GLU A 42 6.33 17.89 -14.58
CA GLU A 42 5.32 18.53 -13.77
C GLU A 42 4.76 19.77 -14.50
N ALA A 43 5.65 20.56 -15.07
CA ALA A 43 5.27 21.75 -15.82
C ALA A 43 4.43 21.35 -17.04
N THR A 44 4.81 20.25 -17.70
CA THR A 44 4.09 19.82 -18.90
C THR A 44 2.73 19.20 -18.54
N ARG A 45 2.61 18.64 -17.33
CA ARG A 45 1.32 18.13 -16.85
CA ARG A 45 1.31 18.12 -16.89
C ARG A 45 0.28 19.25 -16.88
N ASN A 47 0.34 22.08 -18.56
CA ASN A 47 0.06 22.43 -19.97
C ASN A 47 -0.97 21.44 -20.58
N HIS A 48 -0.71 20.15 -20.41
CA HIS A 48 -1.60 19.07 -20.90
C HIS A 48 -3.04 19.24 -20.36
N GLU A 49 -3.16 19.42 -19.04
CA GLU A 49 -4.47 19.49 -18.35
C GLU A 49 -5.32 20.61 -18.90
N GLN A 50 -4.72 21.73 -19.25
CA GLN A 50 -5.44 22.86 -19.80
C GLN A 50 -5.64 22.68 -21.31
N SER A 51 -4.66 22.13 -21.97
CA SER A 51 -4.68 22.07 -23.43
C SER A 51 -5.75 21.11 -23.94
N ILE A 52 -6.00 20.03 -23.21
CA ILE A 52 -7.06 19.10 -23.61
C ILE A 52 -8.48 19.66 -23.53
N ARG A 53 -8.59 20.81 -22.88
CA ARG A 53 -9.84 21.55 -22.74
C ARG A 53 -9.97 22.64 -23.81
N GLU A 54 -8.97 22.81 -24.65
CA GLU A 54 -9.04 23.84 -25.69
C GLU A 54 -10.01 23.39 -26.78
N PRO A 55 -10.74 24.36 -27.36
CA PRO A 55 -11.68 23.97 -28.41
C PRO A 55 -10.93 23.30 -29.61
N GLY A 56 -11.44 22.14 -30.01
CA GLY A 56 -10.87 21.46 -31.17
C GLY A 56 -9.63 20.64 -30.86
N ASN A 57 -9.16 20.62 -29.61
CA ASN A 57 -8.05 19.68 -29.26
C ASN A 57 -8.48 18.22 -29.41
N ARG A 59 -5.70 15.61 -29.42
CA ARG A 59 -4.76 14.95 -28.51
C ARG A 59 -3.79 15.99 -28.01
N PHE A 60 -3.27 15.74 -26.81
CA PHE A 60 -2.17 16.55 -26.29
C PHE A 60 -1.36 15.58 -25.45
N ASP A 61 -0.94 14.50 -26.10
CA ASP A 61 -0.28 13.42 -25.39
C ASP A 61 1.12 13.86 -24.98
N ILE A 62 1.48 13.53 -23.76
CA ILE A 62 2.85 13.83 -23.28
C ILE A 62 3.58 12.50 -23.14
N LEU A 63 4.69 12.37 -23.86
CA LEU A 63 5.41 11.09 -23.98
C LEU A 63 6.83 11.21 -23.51
N GLN A 64 7.32 10.13 -22.89
CA GLN A 64 8.73 10.07 -22.45
C GLN A 64 9.38 8.86 -23.13
N SER A 65 10.54 9.08 -23.72
CA SER A 65 11.20 8.03 -24.52
C SER A 65 11.51 6.86 -23.60
N ALA A 66 11.19 5.65 -24.05
CA ALA A 66 11.54 4.43 -23.31
C ALA A 66 13.03 4.27 -23.17
N ASP A 67 13.80 4.72 -24.16
CA ASP A 67 15.23 4.49 -24.14
C ASP A 67 15.98 5.55 -23.34
N ASP A 68 15.36 6.72 -23.18
CA ASP A 68 16.07 7.87 -22.64
C ASP A 68 15.10 8.81 -21.98
N PRO A 69 15.07 8.83 -20.64
CA PRO A 69 14.09 9.67 -19.91
C PRO A 69 14.26 11.17 -20.12
N THR A 70 15.37 11.62 -20.70
CA THR A 70 15.53 13.06 -20.93
C THR A 70 14.85 13.49 -22.24
N ARG A 71 14.32 12.52 -22.99
CA ARG A 71 13.75 12.79 -24.29
C ARG A 71 12.26 12.71 -24.21
N PHE A 72 11.60 13.82 -24.54
CA PHE A 72 10.12 13.89 -24.51
C PHE A 72 9.53 14.26 -25.84
N VAL A 73 8.27 13.89 -26.02
CA VAL A 73 7.47 14.34 -27.19
C VAL A 73 6.12 14.88 -26.69
N LEU A 74 5.72 16.05 -27.19
CA LEU A 74 4.35 16.51 -27.06
C LEU A 74 3.68 16.32 -28.43
N TYR A 75 2.63 15.50 -28.44
CA TYR A 75 1.89 15.18 -29.65
C TYR A 75 0.60 16.01 -29.61
N GLU A 76 0.62 17.11 -30.36
CA GLU A 76 -0.41 18.14 -30.23
C GLU A 76 -1.25 18.15 -31.53
N ALA A 77 -2.47 17.60 -31.45
CA ALA A 77 -3.34 17.37 -32.59
C ALA A 77 -4.61 18.21 -32.37
N TYR A 78 -5.00 18.98 -33.40
CA TYR A 78 -6.26 19.72 -33.34
C TYR A 78 -7.12 19.44 -34.57
N LYS A 79 -8.44 19.64 -34.41
CA LYS A 79 -9.37 19.56 -35.55
C LYS A 79 -8.95 20.46 -36.72
N THR A 80 -8.53 21.68 -36.40
CA THR A 80 -8.16 22.68 -37.42
C THR A 80 -6.89 23.42 -37.08
N ARG A 81 -6.25 23.93 -38.13
CA ARG A 81 -5.04 24.71 -37.95
C ARG A 81 -5.31 25.91 -37.04
N LYS A 82 -6.47 26.53 -37.17
CA LYS A 82 -6.69 27.75 -36.41
CA LYS A 82 -6.84 27.74 -36.41
C LYS A 82 -6.87 27.47 -34.91
N ASP A 83 -7.45 26.30 -34.56
CA ASP A 83 -7.45 25.75 -33.20
C ASP A 83 -6.03 25.59 -32.69
N ALA A 84 -5.13 25.02 -33.52
CA ALA A 84 -3.74 24.84 -33.12
C ALA A 84 -3.05 26.19 -32.87
N ALA A 85 -3.34 27.15 -33.74
CA ALA A 85 -2.78 28.50 -33.68
C ALA A 85 -3.15 29.18 -32.37
N ALA A 86 -4.38 28.96 -31.92
CA ALA A 86 -4.89 29.58 -30.69
C ALA A 86 -4.13 29.09 -29.46
N HIS A 87 -3.63 27.86 -29.52
CA HIS A 87 -2.90 27.31 -28.40
C HIS A 87 -1.76 28.21 -27.94
N LYS A 88 -1.04 28.85 -28.86
CA LYS A 88 0.16 29.60 -28.49
C LYS A 88 -0.19 30.95 -27.85
N GLU A 89 -1.48 31.24 -27.81
CA GLU A 89 -2.06 32.47 -27.26
CA GLU A 89 -1.99 32.47 -27.23
C GLU A 89 -2.48 32.27 -25.79
N THR A 90 -2.59 31.01 -25.38
CA THR A 90 -3.15 30.71 -24.07
C THR A 90 -2.14 31.03 -22.96
N ALA A 91 -2.66 31.39 -21.78
CA ALA A 91 -1.81 31.64 -20.61
C ALA A 91 -0.97 30.41 -20.22
N HIS A 92 -1.59 29.23 -20.29
CA HIS A 92 -0.92 27.98 -19.88
C HIS A 92 0.21 27.63 -20.81
N TYR A 93 0.03 27.89 -22.13
CA TYR A 93 1.18 27.77 -23.03
C TYR A 93 2.34 28.70 -22.65
N LEU A 94 2.00 29.98 -22.51
CA LEU A 94 2.98 31.03 -22.23
C LEU A 94 3.71 30.75 -20.92
N THR A 95 2.96 30.30 -19.90
CA THR A 95 3.53 29.88 -18.63
C THR A 95 4.52 28.71 -18.80
N TRP A 96 4.09 27.67 -19.51
CA TRP A 96 4.89 26.51 -19.78
C TRP A 96 6.18 26.93 -20.49
N ARG A 97 6.07 27.67 -21.60
CA ARG A 97 7.20 28.08 -22.40
C ARG A 97 8.24 28.83 -21.55
N ASP A 98 7.80 29.81 -20.78
CA ASP A 98 8.70 30.55 -19.87
C ASP A 98 9.32 29.64 -18.80
N THR A 99 8.52 28.72 -18.26
CA THR A 99 8.97 27.85 -17.18
C THR A 99 10.07 26.86 -17.60
N VAL A 100 9.91 26.24 -18.76
CA VAL A 100 10.79 25.16 -19.15
C VAL A 100 12.00 25.70 -19.94
N ALA A 101 11.99 26.99 -20.27
CA ALA A 101 13.03 27.55 -21.14
C ALA A 101 14.46 27.13 -20.67
N ASP A 102 14.71 27.31 -19.38
CA ASP A 102 16.03 27.07 -18.81
C ASP A 102 16.34 25.58 -18.59
N TRP A 103 15.34 24.73 -18.81
CA TRP A 103 15.52 23.30 -18.59
C TRP A 103 15.78 22.56 -19.87
N ALA A 105 17.85 21.18 -22.90
CA ALA A 105 19.27 20.90 -23.14
C ALA A 105 19.65 21.41 -24.55
N GLU A 106 18.64 21.66 -25.36
CA GLU A 106 18.78 22.22 -26.71
C GLU A 106 17.40 22.71 -27.19
N PRO A 107 17.34 23.54 -28.28
CA PRO A 107 16.04 24.02 -28.76
C PRO A 107 15.07 22.88 -29.07
N ARG A 108 13.83 23.06 -28.64
CA ARG A 108 12.75 22.14 -29.04
C ARG A 108 12.56 22.23 -30.54
N LYS A 109 12.14 21.14 -31.16
CA LYS A 109 11.73 21.19 -32.56
C LYS A 109 10.31 20.72 -32.70
N GLY A 110 9.54 21.44 -33.53
CA GLY A 110 8.15 21.10 -33.81
C GLY A 110 8.03 20.71 -35.26
N VAL A 111 7.52 19.51 -35.51
CA VAL A 111 7.33 19.03 -36.88
C VAL A 111 5.87 18.93 -37.22
N ILE A 112 5.48 19.62 -38.30
CA ILE A 112 4.07 19.73 -38.72
C ILE A 112 3.64 18.59 -39.64
N TYR A 113 2.51 18.00 -39.31
CA TYR A 113 1.88 16.94 -40.10
C TYR A 113 0.41 17.24 -40.43
N GLY A 114 -0.08 16.68 -41.54
CA GLY A 114 -1.52 16.60 -41.73
C GLY A 114 -1.99 15.18 -41.45
N GLY A 115 -3.10 15.10 -40.69
CA GLY A 115 -3.79 13.85 -40.38
C GLY A 115 -4.55 13.33 -41.56
N LEU A 116 -4.16 12.16 -42.03
CA LEU A 116 -4.88 11.50 -43.08
C LEU A 116 -6.00 10.66 -42.51
N TYR A 117 -5.71 9.95 -41.39
CA TYR A 117 -6.69 9.07 -40.71
C TYR A 117 -6.47 9.25 -39.19
N PRO A 118 -7.56 9.29 -38.39
CA PRO A 118 -8.96 9.14 -38.77
C PRO A 118 -9.43 10.37 -39.56
N THR A 119 -10.45 10.22 -40.41
CA THR A 119 -10.91 11.38 -41.19
C THR A 119 -11.85 12.30 -40.42
N GLY A 120 -12.57 11.75 -39.46
CA GLY A 120 -13.66 12.49 -38.83
C GLY A 120 -14.84 12.63 -39.77
N ASN B 16 7.91 -12.05 -28.26
CA ASN B 16 6.71 -11.77 -27.41
C ASN B 16 6.70 -12.58 -26.12
N LEU B 17 6.95 -11.87 -25.01
CA LEU B 17 7.16 -12.49 -23.72
C LEU B 17 5.89 -12.66 -22.91
N TYR B 18 4.76 -12.25 -23.49
CA TYR B 18 3.46 -12.36 -22.79
C TYR B 18 2.90 -13.76 -22.90
N PHE B 19 2.41 -14.28 -21.79
CA PHE B 19 1.71 -15.53 -21.82
C PHE B 19 0.22 -15.36 -22.13
N GLN B 20 -0.43 -16.42 -22.62
CA GLN B 20 -1.89 -16.42 -22.71
C GLN B 20 -2.50 -16.32 -21.29
N GLY B 21 -3.39 -15.36 -21.11
CA GLY B 21 -4.04 -15.21 -19.79
C GLY B 21 -5.24 -16.13 -19.65
N HIS B 22 -5.48 -16.59 -18.43
CA HIS B 22 -6.66 -17.36 -18.11
C HIS B 22 -7.66 -16.57 -17.26
N TYR B 24 -8.51 -12.12 -16.51
CA TYR B 24 -8.19 -10.72 -16.71
C TYR B 24 -8.33 -10.09 -15.32
N VAL B 25 -7.25 -9.50 -14.83
CA VAL B 25 -7.24 -9.04 -13.41
C VAL B 25 -6.87 -7.56 -13.36
N THR B 26 -7.66 -6.78 -12.62
CA THR B 26 -7.30 -5.38 -12.37
C THR B 26 -7.13 -5.26 -10.85
N ILE B 27 -5.95 -4.78 -10.43
CA ILE B 27 -5.70 -4.46 -9.03
C ILE B 27 -5.87 -2.94 -8.91
N VAL B 28 -6.85 -2.55 -8.12
CA VAL B 28 -7.26 -1.15 -8.01
C VAL B 28 -6.79 -0.66 -6.65
N TYR B 29 -5.99 0.41 -6.65
CA TYR B 29 -5.39 0.92 -5.42
C TYR B 29 -6.08 2.21 -5.07
N ALA B 30 -6.62 2.27 -3.87
CA ALA B 30 -7.41 3.44 -3.49
C ALA B 30 -6.92 3.99 -2.17
N SER B 31 -6.89 5.33 -2.14
CA SER B 31 -6.47 6.06 -0.96
CA SER B 31 -6.46 6.11 -0.99
C SER B 31 -7.65 6.93 -0.51
N VAL B 32 -8.06 6.76 0.75
CA VAL B 32 -9.32 7.33 1.22
C VAL B 32 -9.03 8.43 2.27
N LYS B 33 -9.81 9.52 2.26
CA LYS B 33 -9.68 10.56 3.31
CA LYS B 33 -9.67 10.56 3.30
C LYS B 33 -9.75 9.95 4.69
N THR B 34 -8.97 10.50 5.61
CA THR B 34 -8.81 9.81 6.89
C THR B 34 -10.12 9.54 7.65
N ASP B 35 -11.09 10.46 7.54
CA ASP B 35 -12.38 10.33 8.28
C ASP B 35 -13.48 9.59 7.50
N LYS B 36 -13.12 8.99 6.35
CA LYS B 36 -14.13 8.35 5.49
C LYS B 36 -13.88 6.86 5.29
N THR B 37 -13.01 6.27 6.08
CA THR B 37 -12.71 4.82 5.95
C THR B 37 -13.93 3.90 6.21
N GLU B 38 -14.77 4.24 7.19
CA GLU B 38 -15.97 3.44 7.51
C GLU B 38 -17.00 3.57 6.38
N ALA B 39 -17.23 4.81 5.94
CA ALA B 39 -18.17 5.08 4.86
C ALA B 39 -17.71 4.30 3.62
N PHE B 40 -16.41 4.39 3.34
CA PHE B 40 -15.86 3.73 2.14
C PHE B 40 -16.07 2.20 2.22
N LYS B 41 -15.80 1.64 3.40
CA LYS B 41 -15.94 0.21 3.64
C LYS B 41 -17.38 -0.23 3.35
N GLU B 42 -18.34 0.51 3.89
CA GLU B 42 -19.75 0.17 3.74
C GLU B 42 -20.20 0.28 2.26
N ALA B 43 -19.82 1.35 1.55
CA ALA B 43 -20.12 1.50 0.09
C ALA B 43 -19.52 0.37 -0.76
N THR B 44 -18.29 0.04 -0.43
CA THR B 44 -17.55 -1.00 -1.13
C THR B 44 -18.11 -2.43 -0.87
N ARG B 45 -18.63 -2.69 0.32
CA ARG B 45 -19.37 -3.91 0.64
C ARG B 45 -20.47 -4.17 -0.42
N ASN B 47 -20.71 -2.91 -3.42
CA ASN B 47 -20.08 -3.15 -4.73
C ASN B 47 -19.60 -4.62 -4.79
N HIS B 48 -18.88 -5.04 -3.76
CA HIS B 48 -18.41 -6.43 -3.66
C HIS B 48 -19.55 -7.45 -3.81
N GLU B 49 -20.61 -7.27 -3.03
CA GLU B 49 -21.70 -8.23 -2.97
C GLU B 49 -22.36 -8.40 -4.33
N GLN B 50 -22.54 -7.32 -5.09
CA GLN B 50 -23.12 -7.47 -6.44
C GLN B 50 -22.09 -7.95 -7.48
N SER B 51 -20.89 -7.45 -7.35
CA SER B 51 -19.85 -7.73 -8.39
C SER B 51 -19.50 -9.24 -8.41
N ILE B 52 -19.53 -9.93 -7.25
CA ILE B 52 -19.31 -11.41 -7.26
C ILE B 52 -20.41 -12.20 -7.96
N ARG B 53 -21.52 -11.53 -8.24
CA ARG B 53 -22.65 -12.16 -8.95
C ARG B 53 -22.60 -11.87 -10.44
N GLU B 54 -21.64 -11.05 -10.87
CA GLU B 54 -21.51 -10.70 -12.26
C GLU B 54 -21.04 -11.93 -13.05
N PRO B 55 -21.59 -12.13 -14.25
CA PRO B 55 -21.11 -13.29 -15.05
C PRO B 55 -19.58 -13.22 -15.28
N GLY B 56 -18.91 -14.31 -15.01
CA GLY B 56 -17.49 -14.36 -15.27
C GLY B 56 -16.66 -13.70 -14.18
N ASN B 57 -17.28 -13.22 -13.10
CA ASN B 57 -16.45 -12.70 -12.00
C ASN B 57 -15.78 -13.88 -11.28
N ARG B 59 -13.02 -13.14 -8.72
CA ARG B 59 -12.65 -12.54 -7.41
C ARG B 59 -13.05 -11.09 -7.48
N PHE B 60 -13.50 -10.61 -6.33
CA PHE B 60 -13.67 -9.17 -6.14
C PHE B 60 -13.33 -8.86 -4.68
N ASP B 61 -12.07 -9.14 -4.31
CA ASP B 61 -11.68 -9.02 -2.90
C ASP B 61 -11.45 -7.55 -2.53
N ILE B 62 -11.88 -7.20 -1.33
CA ILE B 62 -11.71 -5.83 -0.84
C ILE B 62 -10.70 -5.93 0.28
N LEU B 63 -9.55 -5.25 0.13
CA LEU B 63 -8.48 -5.37 1.14
C LEU B 63 -8.14 -4.02 1.73
N GLN B 64 -7.72 -4.02 3.00
CA GLN B 64 -7.20 -2.78 3.64
C GLN B 64 -5.75 -3.03 4.01
N SER B 65 -4.89 -2.07 3.68
CA SER B 65 -3.48 -2.16 4.00
C SER B 65 -3.26 -2.39 5.49
N ALA B 66 -2.36 -3.33 5.80
CA ALA B 66 -2.04 -3.55 7.24
C ALA B 66 -1.22 -2.35 7.79
N ASP B 67 -0.57 -1.59 6.93
CA ASP B 67 0.40 -0.57 7.32
CA ASP B 67 0.37 -0.57 7.39
C ASP B 67 -0.21 0.86 7.45
N ASP B 68 -1.28 1.11 6.71
CA ASP B 68 -1.96 2.41 6.67
C ASP B 68 -3.44 2.14 6.41
N PRO B 69 -4.29 2.37 7.41
CA PRO B 69 -5.69 2.01 7.27
C PRO B 69 -6.44 2.88 6.21
N THR B 70 -5.80 3.89 5.60
CA THR B 70 -6.51 4.68 4.58
C THR B 70 -6.31 4.12 3.18
N ARG B 71 -5.48 3.07 3.07
CA ARG B 71 -5.11 2.50 1.76
C ARG B 71 -5.82 1.15 1.60
N PHE B 72 -6.50 1.00 0.47
CA PHE B 72 -7.36 -0.15 0.18
C PHE B 72 -6.99 -0.68 -1.17
N VAL B 73 -7.29 -1.96 -1.40
CA VAL B 73 -7.10 -2.53 -2.72
C VAL B 73 -8.41 -3.26 -3.06
N LEU B 74 -8.86 -3.13 -4.31
CA LEU B 74 -9.93 -3.98 -4.80
C LEU B 74 -9.28 -4.90 -5.86
N TYR B 75 -9.36 -6.20 -5.58
CA TYR B 75 -8.71 -7.18 -6.43
C TYR B 75 -9.82 -7.77 -7.32
N GLU B 76 -9.87 -7.31 -8.56
CA GLU B 76 -11.03 -7.60 -9.45
C GLU B 76 -10.61 -8.53 -10.57
N ALA B 77 -11.08 -9.77 -10.52
CA ALA B 77 -10.65 -10.78 -11.49
C ALA B 77 -11.81 -11.37 -12.25
N TYR B 78 -11.65 -11.51 -13.56
CA TYR B 78 -12.71 -11.95 -14.44
C TYR B 78 -12.16 -12.96 -15.44
N LYS B 79 -13.04 -13.84 -15.91
CA LYS B 79 -12.68 -14.82 -16.92
C LYS B 79 -12.12 -14.15 -18.18
N THR B 80 -12.75 -13.07 -18.62
CA THR B 80 -12.31 -12.41 -19.88
C THR B 80 -12.21 -10.92 -19.72
N ARG B 81 -11.47 -10.28 -20.62
CA ARG B 81 -11.45 -8.82 -20.71
C ARG B 81 -12.86 -8.21 -20.87
N LYS B 82 -13.66 -8.82 -21.75
CA LYS B 82 -15.06 -8.38 -21.99
C LYS B 82 -15.91 -8.41 -20.70
N ASP B 83 -15.81 -9.49 -19.91
CA ASP B 83 -16.45 -9.54 -18.56
C ASP B 83 -16.05 -8.33 -17.68
N ALA B 84 -14.75 -8.04 -17.59
CA ALA B 84 -14.26 -6.93 -16.80
C ALA B 84 -14.79 -5.58 -17.29
N ALA B 85 -14.82 -5.41 -18.61
CA ALA B 85 -15.32 -4.20 -19.20
C ALA B 85 -16.78 -4.00 -18.80
N ALA B 86 -17.57 -5.07 -18.81
CA ALA B 86 -19.00 -4.97 -18.43
C ALA B 86 -19.24 -4.47 -16.99
N HIS B 87 -18.29 -4.74 -16.10
CA HIS B 87 -18.34 -4.29 -14.74
C HIS B 87 -18.57 -2.77 -14.71
N LYS B 88 -17.90 -2.02 -15.61
CA LYS B 88 -17.97 -0.54 -15.61
CA LYS B 88 -17.99 -0.55 -15.56
C LYS B 88 -19.34 -0.01 -16.01
N GLU B 89 -20.19 -0.89 -16.56
CA GLU B 89 -21.59 -0.53 -16.91
C GLU B 89 -22.63 -1.05 -15.92
N THR B 90 -22.20 -1.71 -14.83
CA THR B 90 -23.20 -2.21 -13.88
C THR B 90 -23.76 -1.11 -13.00
N ALA B 91 -24.97 -1.37 -12.50
CA ALA B 91 -25.67 -0.41 -11.66
C ALA B 91 -24.86 -0.13 -10.39
N HIS B 92 -24.34 -1.17 -9.75
CA HIS B 92 -23.57 -1.04 -8.52
C HIS B 92 -22.26 -0.30 -8.72
N TYR B 93 -21.58 -0.56 -9.84
CA TYR B 93 -20.37 0.18 -10.13
C TYR B 93 -20.65 1.69 -10.25
N LEU B 94 -21.59 2.09 -11.11
CA LEU B 94 -21.93 3.51 -11.30
C LEU B 94 -22.30 4.19 -9.96
N THR B 95 -23.11 3.52 -9.14
CA THR B 95 -23.52 4.15 -7.90
C THR B 95 -22.36 4.18 -6.89
N TRP B 96 -21.54 3.13 -6.84
CA TRP B 96 -20.40 3.12 -5.91
C TRP B 96 -19.42 4.27 -6.30
N ARG B 97 -19.13 4.36 -7.59
CA ARG B 97 -18.22 5.41 -8.11
C ARG B 97 -18.70 6.80 -7.72
N ASP B 98 -20.01 7.02 -7.89
CA ASP B 98 -20.59 8.31 -7.45
C ASP B 98 -20.53 8.52 -5.92
N THR B 99 -20.82 7.48 -5.14
CA THR B 99 -20.81 7.56 -3.69
C THR B 99 -19.43 7.89 -3.12
N VAL B 100 -18.40 7.25 -3.68
CA VAL B 100 -17.08 7.37 -3.07
C VAL B 100 -16.24 8.51 -3.62
N ALA B 101 -16.69 9.13 -4.72
CA ALA B 101 -15.92 10.17 -5.43
C ALA B 101 -15.32 11.21 -4.49
N ASP B 102 -16.13 11.76 -3.60
CA ASP B 102 -15.66 12.81 -2.69
C ASP B 102 -14.84 12.29 -1.51
N TRP B 103 -14.70 10.96 -1.38
CA TRP B 103 -13.94 10.40 -0.27
C TRP B 103 -12.50 10.01 -0.63
N ALA B 105 -8.61 10.42 -1.51
CA ALA B 105 -7.61 11.44 -1.17
C ALA B 105 -6.75 11.74 -2.41
N GLU B 106 -6.84 10.83 -3.37
CA GLU B 106 -6.13 10.94 -4.63
C GLU B 106 -6.87 10.03 -5.62
N PRO B 107 -6.65 10.22 -6.94
N PRO B 107 -6.73 10.26 -6.93
CA PRO B 107 -7.26 9.33 -7.93
CA PRO B 107 -7.46 9.36 -7.82
C PRO B 107 -6.93 7.85 -7.70
C PRO B 107 -6.96 7.90 -7.75
N ARG B 108 -7.91 6.97 -7.81
CA ARG B 108 -7.60 5.53 -7.85
C ARG B 108 -6.76 5.15 -9.07
N LYS B 109 -5.97 4.10 -8.92
CA LYS B 109 -5.13 3.64 -10.02
CA LYS B 109 -5.18 3.64 -10.05
C LYS B 109 -5.46 2.16 -10.22
N GLY B 110 -5.68 1.75 -11.46
CA GLY B 110 -5.91 0.32 -11.76
C GLY B 110 -4.68 -0.19 -12.52
N VAL B 111 -4.18 -1.37 -12.15
CA VAL B 111 -3.03 -1.95 -12.87
C VAL B 111 -3.49 -3.32 -13.39
N ILE B 112 -3.25 -3.59 -14.69
CA ILE B 112 -3.82 -4.74 -15.39
CA ILE B 112 -3.84 -4.77 -15.32
C ILE B 112 -2.85 -5.92 -15.40
N TYR B 113 -3.38 -7.12 -15.14
CA TYR B 113 -2.58 -8.37 -15.15
C TYR B 113 -3.35 -9.46 -15.88
N GLY B 114 -2.63 -10.42 -16.44
CA GLY B 114 -3.23 -11.64 -16.97
C GLY B 114 -2.94 -12.76 -15.97
N GLY B 115 -3.97 -13.58 -15.73
CA GLY B 115 -3.92 -14.66 -14.76
C GLY B 115 -3.25 -15.84 -15.45
N LEU B 116 -2.16 -16.31 -14.84
CA LEU B 116 -1.49 -17.51 -15.32
C LEU B 116 -1.98 -18.80 -14.60
N TYR B 117 -2.15 -18.71 -13.28
CA TYR B 117 -2.67 -19.84 -12.45
C TYR B 117 -3.58 -19.23 -11.41
N PRO B 118 -4.70 -19.91 -11.11
CA PRO B 118 -5.12 -21.20 -11.69
C PRO B 118 -5.56 -21.03 -13.17
N THR B 119 -5.41 -22.11 -13.96
CA THR B 119 -5.69 -22.04 -15.40
C THR B 119 -7.16 -22.29 -15.59
N GLY B 120 -7.70 -21.87 -16.74
CA GLY B 120 -9.07 -22.28 -17.10
C GLY B 120 -9.56 -23.60 -16.47
N LEU C 17 -8.96 2.62 13.54
CA LEU C 17 -9.07 2.73 12.04
C LEU C 17 -8.93 1.41 11.27
N TYR C 18 -8.28 0.43 11.88
CA TYR C 18 -8.23 -0.89 11.25
C TYR C 18 -9.53 -1.62 11.41
N PHE C 19 -9.97 -2.17 10.29
CA PHE C 19 -11.08 -3.08 10.33
C PHE C 19 -10.53 -4.49 10.56
N GLN C 20 -11.30 -5.31 11.26
CA GLN C 20 -10.84 -6.67 11.54
C GLN C 20 -10.72 -7.49 10.24
N GLY C 21 -9.55 -8.11 10.03
CA GLY C 21 -9.29 -9.00 8.87
C GLY C 21 -10.09 -10.30 8.92
N HIS C 22 -10.58 -10.73 7.76
CA HIS C 22 -11.11 -12.09 7.62
C HIS C 22 -10.14 -12.99 6.81
N TYR C 24 -5.65 -12.94 5.63
CA TYR C 24 -4.36 -12.31 5.63
C TYR C 24 -3.85 -12.39 4.20
N VAL C 25 -3.52 -11.26 3.61
CA VAL C 25 -3.18 -11.29 2.18
C VAL C 25 -1.83 -10.65 1.97
N THR C 26 -0.95 -11.34 1.26
CA THR C 26 0.31 -10.75 0.83
C THR C 26 0.29 -10.63 -0.70
N ILE C 27 0.48 -9.41 -1.21
CA ILE C 27 0.66 -9.16 -2.67
C ILE C 27 2.17 -9.12 -2.87
N VAL C 28 2.66 -10.11 -3.60
CA VAL C 28 4.09 -10.33 -3.75
C VAL C 28 4.44 -9.86 -5.15
N TYR C 29 5.29 -8.84 -5.23
CA TYR C 29 5.67 -8.28 -6.56
C TYR C 29 7.06 -8.77 -6.92
N ALA C 30 7.20 -9.34 -8.11
CA ALA C 30 8.44 -10.00 -8.51
C ALA C 30 8.84 -9.52 -9.91
N SER C 31 10.10 -9.10 -10.03
CA SER C 31 10.70 -8.72 -11.31
C SER C 31 11.75 -9.75 -11.68
N VAL C 32 11.59 -10.32 -12.86
CA VAL C 32 12.39 -11.43 -13.27
C VAL C 32 13.38 -10.95 -14.34
N LYS C 33 14.54 -11.59 -14.41
CA LYS C 33 15.48 -11.32 -15.50
C LYS C 33 14.83 -11.62 -16.85
N THR C 34 15.18 -10.82 -17.84
CA THR C 34 14.38 -10.78 -19.07
C THR C 34 14.29 -12.13 -19.80
N ASP C 35 15.30 -13.01 -19.69
CA ASP C 35 15.27 -14.29 -20.41
C ASP C 35 14.74 -15.45 -19.53
N LYS C 36 14.18 -15.10 -18.39
CA LYS C 36 13.76 -16.07 -17.37
C LYS C 36 12.25 -16.18 -17.14
N THR C 37 11.46 -15.54 -18.01
CA THR C 37 10.00 -15.53 -17.82
C THR C 37 9.38 -16.93 -17.90
N GLU C 38 9.77 -17.73 -18.90
CA GLU C 38 9.21 -19.09 -18.97
C GLU C 38 9.64 -19.96 -17.79
N ALA C 39 10.90 -19.80 -17.39
CA ALA C 39 11.47 -20.60 -16.34
C ALA C 39 10.76 -20.27 -15.01
N PHE C 40 10.57 -18.98 -14.79
CA PHE C 40 9.87 -18.51 -13.59
C PHE C 40 8.40 -19.00 -13.53
N LYS C 41 7.74 -18.97 -14.68
CA LYS C 41 6.37 -19.43 -14.78
C LYS C 41 6.24 -20.91 -14.35
N GLU C 42 7.12 -21.74 -14.88
CA GLU C 42 7.05 -23.16 -14.61
C GLU C 42 7.37 -23.45 -13.13
N ALA C 43 8.38 -22.77 -12.57
CA ALA C 43 8.77 -23.02 -11.14
C ALA C 43 7.61 -22.58 -10.25
N THR C 44 6.97 -21.48 -10.64
CA THR C 44 5.91 -20.90 -9.76
C THR C 44 4.64 -21.72 -9.90
N ARG C 45 4.43 -22.28 -11.11
CA ARG C 45 3.36 -23.31 -11.28
C ARG C 45 3.44 -24.41 -10.20
N ASN C 47 4.90 -24.40 -7.27
CA ASN C 47 4.63 -23.76 -5.97
C ASN C 47 3.09 -23.53 -5.83
N HIS C 48 2.47 -22.91 -6.84
CA HIS C 48 1.01 -22.69 -6.87
C HIS C 48 0.25 -23.99 -6.60
N GLU C 49 0.57 -25.08 -7.31
CA GLU C 49 -0.26 -26.27 -7.25
C GLU C 49 -0.26 -26.92 -5.87
N GLN C 50 0.86 -26.83 -5.15
CA GLN C 50 0.92 -27.34 -3.75
C GLN C 50 0.34 -26.30 -2.76
N SER C 51 0.48 -25.01 -3.10
CA SER C 51 0.13 -23.96 -2.09
C SER C 51 -1.39 -23.89 -1.88
N ILE C 52 -2.12 -24.09 -2.97
CA ILE C 52 -3.59 -24.10 -2.92
C ILE C 52 -4.14 -25.29 -2.07
N ARG C 53 -3.28 -26.28 -1.75
CA ARG C 53 -3.70 -27.42 -0.93
CA ARG C 53 -3.66 -27.43 -0.93
C ARG C 53 -3.31 -27.25 0.53
N GLU C 54 -2.69 -26.11 0.88
CA GLU C 54 -2.26 -25.92 2.26
C GLU C 54 -3.50 -25.55 3.06
N PRO C 55 -3.60 -26.07 4.29
CA PRO C 55 -4.66 -25.69 5.21
C PRO C 55 -4.68 -24.19 5.39
N GLY C 56 -5.82 -23.61 5.12
CA GLY C 56 -5.92 -22.17 5.39
C GLY C 56 -5.60 -21.35 4.15
N ASN C 57 -5.12 -21.96 3.07
CA ASN C 57 -4.96 -21.19 1.84
C ASN C 57 -6.29 -20.85 1.20
N ARG C 59 -6.27 -18.16 -1.62
CA ARG C 59 -5.88 -17.84 -2.98
C ARG C 59 -4.38 -17.97 -3.10
N PHE C 60 -3.92 -18.33 -4.29
CA PHE C 60 -2.49 -18.28 -4.57
C PHE C 60 -2.39 -17.97 -6.07
N ASP C 61 -2.97 -16.84 -6.48
CA ASP C 61 -3.03 -16.53 -7.90
C ASP C 61 -1.66 -16.09 -8.42
N ILE C 62 -1.34 -16.49 -9.66
CA ILE C 62 -0.07 -16.11 -10.23
C ILE C 62 -0.40 -15.25 -11.45
N LEU C 63 0.12 -14.01 -11.49
CA LEU C 63 -0.26 -13.01 -12.51
C LEU C 63 0.97 -12.48 -13.24
N GLN C 64 0.81 -12.12 -14.52
CA GLN C 64 1.84 -11.44 -15.26
C GLN C 64 1.34 -10.04 -15.64
N SER C 65 2.18 -9.05 -15.43
CA SER C 65 1.76 -7.67 -15.66
C SER C 65 1.48 -7.44 -17.16
N ALA C 66 0.42 -6.72 -17.48
CA ALA C 66 0.26 -6.35 -18.90
C ALA C 66 1.22 -5.27 -19.37
N ASP C 67 1.66 -4.41 -18.44
CA ASP C 67 2.59 -3.30 -18.73
C ASP C 67 4.02 -3.71 -19.05
N ASP C 68 4.45 -4.84 -18.47
CA ASP C 68 5.83 -5.29 -18.59
C ASP C 68 5.83 -6.80 -18.33
N PRO C 69 6.15 -7.56 -19.37
CA PRO C 69 6.04 -9.03 -19.23
C PRO C 69 7.04 -9.70 -18.25
N THR C 70 8.06 -8.97 -17.78
CA THR C 70 9.02 -9.48 -16.76
C THR C 70 8.55 -9.23 -15.32
N ARG C 71 7.37 -8.61 -15.14
CA ARG C 71 6.86 -8.32 -13.80
CA ARG C 71 6.82 -8.28 -13.82
C ARG C 71 5.67 -9.23 -13.55
N PHE C 72 5.67 -9.85 -12.39
CA PHE C 72 4.64 -10.79 -11.99
C PHE C 72 4.15 -10.43 -10.60
N VAL C 73 2.96 -10.93 -10.26
CA VAL C 73 2.41 -10.82 -8.92
C VAL C 73 2.01 -12.22 -8.46
N LEU C 74 2.38 -12.57 -7.22
CA LEU C 74 1.78 -13.72 -6.51
C LEU C 74 0.81 -13.14 -5.48
N TYR C 75 -0.46 -13.45 -5.64
CA TYR C 75 -1.50 -12.99 -4.73
C TYR C 75 -1.81 -14.11 -3.73
N GLU C 76 -1.29 -13.98 -2.51
CA GLU C 76 -1.21 -15.10 -1.54
C GLU C 76 -2.13 -14.79 -0.41
N ALA C 77 -3.26 -15.46 -0.39
CA ALA C 77 -4.24 -15.19 0.66
C ALA C 77 -4.45 -16.41 1.55
N TYR C 78 -4.41 -16.18 2.88
CA TYR C 78 -4.58 -17.21 3.92
C TYR C 78 -5.59 -16.79 4.96
N LYS C 79 -6.12 -17.76 5.70
CA LYS C 79 -7.01 -17.46 6.81
CA LYS C 79 -7.02 -17.42 6.79
C LYS C 79 -6.35 -16.54 7.84
N THR C 80 -5.08 -16.81 8.15
CA THR C 80 -4.36 -16.06 9.16
C THR C 80 -2.92 -15.85 8.78
N ARG C 81 -2.28 -14.89 9.41
CA ARG C 81 -0.84 -14.72 9.27
C ARG C 81 -0.04 -16.03 9.55
N LYS C 82 -0.47 -16.78 10.57
CA LYS C 82 0.22 -18.00 10.98
C LYS C 82 0.28 -18.98 9.80
N ASP C 83 -0.80 -19.03 9.02
CA ASP C 83 -0.87 -19.91 7.87
C ASP C 83 0.15 -19.43 6.83
N ALA C 84 0.24 -18.11 6.67
CA ALA C 84 1.26 -17.58 5.73
C ALA C 84 2.69 -17.92 6.19
N ALA C 85 2.95 -17.78 7.50
CA ALA C 85 4.25 -18.22 8.07
C ALA C 85 4.50 -19.70 7.80
N ALA C 86 3.50 -20.55 7.99
CA ALA C 86 3.63 -22.00 7.73
C ALA C 86 3.98 -22.28 6.24
N HIS C 87 3.42 -21.48 5.34
CA HIS C 87 3.73 -21.61 3.91
C HIS C 87 5.24 -21.53 3.69
N LYS C 88 5.92 -20.64 4.43
CA LYS C 88 7.36 -20.39 4.18
C LYS C 88 8.29 -21.46 4.75
N GLU C 89 7.66 -22.41 5.45
CA GLU C 89 8.33 -23.57 6.01
CA GLU C 89 8.35 -23.55 6.02
C GLU C 89 8.12 -24.82 5.18
N THR C 90 7.34 -24.70 4.11
CA THR C 90 6.98 -25.86 3.29
C THR C 90 8.10 -26.26 2.34
N ALA C 91 8.14 -27.54 1.96
CA ALA C 91 9.17 -28.01 1.07
C ALA C 91 9.00 -27.34 -0.29
N HIS C 92 7.76 -27.15 -0.73
CA HIS C 92 7.57 -26.55 -2.07
C HIS C 92 7.97 -25.07 -2.11
N TYR C 93 7.65 -24.36 -1.04
CA TYR C 93 8.11 -22.96 -0.95
C TYR C 93 9.63 -22.90 -1.01
N LEU C 94 10.28 -23.74 -0.20
CA LEU C 94 11.74 -23.67 -0.09
C LEU C 94 12.42 -24.04 -1.42
N THR C 95 11.88 -25.07 -2.08
CA THR C 95 12.32 -25.42 -3.44
C THR C 95 12.11 -24.29 -4.45
N TRP C 96 10.94 -23.65 -4.42
CA TRP C 96 10.66 -22.53 -5.31
C TRP C 96 11.66 -21.38 -5.01
N ARG C 97 11.76 -20.99 -3.73
CA ARG C 97 12.67 -19.92 -3.30
C ARG C 97 14.09 -20.19 -3.85
N ASP C 98 14.53 -21.44 -3.71
CA ASP C 98 15.89 -21.79 -4.09
C ASP C 98 16.03 -21.70 -5.62
N THR C 99 15.04 -22.24 -6.33
CA THR C 99 15.05 -22.26 -7.79
C THR C 99 15.04 -20.87 -8.42
N VAL C 100 14.19 -19.97 -7.89
CA VAL C 100 13.97 -18.70 -8.58
C VAL C 100 14.97 -17.62 -8.17
N ALA C 101 15.74 -17.87 -7.11
CA ALA C 101 16.58 -16.82 -6.52
C ALA C 101 17.47 -16.14 -7.56
N ASP C 102 18.11 -16.95 -8.41
CA ASP C 102 19.02 -16.41 -9.44
C ASP C 102 18.35 -15.83 -10.66
N TRP C 103 17.01 -15.90 -10.68
CA TRP C 103 16.26 -15.27 -11.74
C TRP C 103 15.63 -13.92 -11.33
N ALA C 105 15.40 -10.06 -10.80
CA ALA C 105 16.05 -8.84 -11.30
C ALA C 105 16.26 -7.84 -10.17
N GLU C 106 15.38 -7.91 -9.19
CA GLU C 106 15.53 -7.20 -7.92
C GLU C 106 14.82 -8.02 -6.84
N PRO C 107 15.10 -7.75 -5.55
CA PRO C 107 14.38 -8.48 -4.48
C PRO C 107 12.88 -8.40 -4.62
N ARG C 108 12.20 -9.52 -4.36
CA ARG C 108 10.72 -9.48 -4.27
C ARG C 108 10.26 -8.55 -3.14
N LYS C 109 9.09 -7.93 -3.29
CA LYS C 109 8.53 -7.08 -2.22
C LYS C 109 7.15 -7.64 -1.94
N GLY C 110 6.84 -7.92 -0.68
CA GLY C 110 5.50 -8.33 -0.29
C GLY C 110 4.80 -7.20 0.44
N VAL C 111 3.57 -6.93 0.05
CA VAL C 111 2.73 -5.92 0.71
C VAL C 111 1.52 -6.59 1.39
N ILE C 112 1.34 -6.31 2.67
CA ILE C 112 0.41 -7.04 3.54
C ILE C 112 -0.92 -6.31 3.66
N TYR C 113 -1.99 -7.09 3.54
CA TYR C 113 -3.36 -6.55 3.65
C TYR C 113 -4.21 -7.46 4.50
N GLY C 114 -5.29 -6.89 5.05
CA GLY C 114 -6.35 -7.64 5.69
C GLY C 114 -7.52 -7.64 4.73
N GLY C 115 -8.09 -8.81 4.55
CA GLY C 115 -9.30 -9.00 3.74
C GLY C 115 -10.53 -8.57 4.48
N LEU C 116 -11.27 -7.65 3.86
CA LEU C 116 -12.54 -7.18 4.42
C LEU C 116 -13.67 -8.00 3.85
N TYR C 117 -13.64 -8.21 2.53
CA TYR C 117 -14.67 -8.97 1.86
C TYR C 117 -13.97 -9.86 0.83
N PRO C 118 -14.43 -11.12 0.68
CA PRO C 118 -15.59 -11.74 1.37
C PRO C 118 -15.28 -11.98 2.84
N THR C 119 -16.32 -12.03 3.67
CA THR C 119 -16.11 -12.33 5.08
C THR C 119 -16.15 -13.84 5.18
N GLY C 120 -15.85 -14.40 6.35
CA GLY C 120 -16.14 -15.81 6.59
C GLY C 120 -17.62 -16.05 6.62
N ASN D 16 10.52 -16.39 11.95
CA ASN D 16 9.20 -17.02 12.33
C ASN D 16 9.09 -17.15 13.85
N LEU D 17 8.16 -16.41 14.45
CA LEU D 17 8.03 -16.42 15.90
C LEU D 17 6.87 -17.28 16.43
N TYR D 18 6.25 -18.07 15.55
CA TYR D 18 5.11 -18.91 15.97
C TYR D 18 5.63 -20.19 16.59
N PHE D 19 4.94 -20.61 17.64
CA PHE D 19 5.18 -21.88 18.25
C PHE D 19 4.22 -22.91 17.69
N GLN D 20 4.60 -24.17 17.81
CA GLN D 20 3.71 -25.25 17.46
C GLN D 20 2.51 -25.20 18.42
N GLY D 21 1.30 -25.23 17.88
CA GLY D 21 0.11 -25.28 18.74
C GLY D 21 -0.23 -26.72 19.11
N HIS D 22 -0.95 -26.86 20.22
CA HIS D 22 -1.38 -28.17 20.74
C HIS D 22 -2.92 -28.19 20.85
N TYR D 24 -6.44 -25.96 18.87
CA TYR D 24 -6.91 -24.96 17.96
C TYR D 24 -8.02 -24.19 18.71
N VAL D 25 -7.83 -22.90 18.98
CA VAL D 25 -8.79 -22.13 19.78
C VAL D 25 -9.36 -20.94 19.00
N THR D 26 -10.68 -20.78 19.08
CA THR D 26 -11.34 -19.60 18.55
C THR D 26 -12.02 -18.92 19.72
N ILE D 27 -11.66 -17.67 19.97
CA ILE D 27 -12.39 -16.91 20.97
C ILE D 27 -13.40 -16.04 20.20
N VAL D 28 -14.69 -16.30 20.43
CA VAL D 28 -15.77 -15.60 19.67
C VAL D 28 -16.39 -14.54 20.58
N TYR D 29 -16.37 -13.29 20.12
CA TYR D 29 -16.94 -12.16 20.88
C TYR D 29 -18.26 -11.78 20.28
N ALA D 30 -19.25 -11.68 21.16
CA ALA D 30 -20.62 -11.48 20.73
C ALA D 30 -21.21 -10.36 21.55
N SER D 31 -21.88 -9.46 20.83
CA SER D 31 -22.59 -8.33 21.39
C SER D 31 -24.08 -8.47 21.02
N VAL D 32 -24.93 -8.50 22.04
CA VAL D 32 -26.33 -8.95 21.89
C VAL D 32 -27.24 -7.78 22.19
N LYS D 33 -28.33 -7.66 21.44
CA LYS D 33 -29.31 -6.64 21.72
C LYS D 33 -29.85 -6.83 23.14
N THR D 34 -30.18 -5.71 23.76
CA THR D 34 -30.47 -5.71 25.17
C THR D 34 -31.64 -6.60 25.58
N ASP D 35 -32.65 -6.73 24.71
CA ASP D 35 -33.87 -7.49 25.06
C ASP D 35 -33.87 -8.90 24.52
N LYS D 36 -32.69 -9.38 24.11
CA LYS D 36 -32.49 -10.73 23.59
C LYS D 36 -31.39 -11.46 24.34
N THR D 37 -30.93 -10.91 25.46
CA THR D 37 -29.82 -11.51 26.21
C THR D 37 -30.21 -12.85 26.81
N GLU D 38 -31.42 -12.96 27.35
CA GLU D 38 -31.86 -14.23 27.96
C GLU D 38 -32.07 -15.27 26.84
N ALA D 39 -32.58 -14.80 25.71
CA ALA D 39 -32.83 -15.68 24.56
C ALA D 39 -31.48 -16.19 24.01
N PHE D 40 -30.50 -15.31 23.91
CA PHE D 40 -29.18 -15.68 23.43
C PHE D 40 -28.50 -16.70 24.37
N LYS D 41 -28.64 -16.49 25.66
CA LYS D 41 -28.00 -17.36 26.67
C LYS D 41 -28.54 -18.79 26.53
N GLU D 42 -29.86 -18.89 26.36
CA GLU D 42 -30.55 -20.15 26.18
C GLU D 42 -30.15 -20.89 24.87
N ALA D 43 -30.14 -20.17 23.76
CA ALA D 43 -29.75 -20.74 22.47
C ALA D 43 -28.30 -21.21 22.53
N THR D 44 -27.47 -20.48 23.26
CA THR D 44 -26.03 -20.79 23.34
C THR D 44 -25.77 -22.02 24.24
N ARG D 45 -26.57 -22.14 25.30
CA ARG D 45 -26.61 -23.35 26.10
C ARG D 45 -26.80 -24.59 25.22
N ASN D 47 -26.21 -24.99 22.07
CA ASN D 47 -24.97 -25.13 21.29
C ASN D 47 -23.90 -25.79 22.15
N HIS D 48 -23.68 -25.23 23.34
CA HIS D 48 -22.69 -25.73 24.27
C HIS D 48 -22.86 -27.22 24.53
N GLU D 49 -24.09 -27.61 24.86
CA GLU D 49 -24.32 -28.95 25.35
C GLU D 49 -23.91 -29.97 24.30
N GLN D 50 -24.18 -29.65 23.03
CA GLN D 50 -23.87 -30.58 21.95
C GLN D 50 -22.41 -30.45 21.51
N SER D 51 -21.87 -29.24 21.60
CA SER D 51 -20.51 -29.02 21.07
C SER D 51 -19.47 -29.72 21.93
N ILE D 52 -19.69 -29.78 23.25
CA ILE D 52 -18.74 -30.45 24.12
C ILE D 52 -18.73 -31.98 23.90
N ARG D 53 -19.71 -32.49 23.16
CA ARG D 53 -19.80 -33.90 22.81
CA ARG D 53 -19.74 -33.92 22.85
C ARG D 53 -19.13 -34.19 21.46
N GLU D 54 -18.69 -33.15 20.76
CA GLU D 54 -18.04 -33.34 19.47
C GLU D 54 -16.66 -33.98 19.66
N PRO D 55 -16.31 -34.94 18.80
CA PRO D 55 -14.93 -35.44 18.67
C PRO D 55 -13.88 -34.33 18.63
N GLY D 56 -12.99 -34.38 19.61
CA GLY D 56 -11.89 -33.45 19.66
C GLY D 56 -12.19 -32.14 20.33
N ASN D 57 -13.42 -31.93 20.82
CA ASN D 57 -13.66 -30.71 21.57
C ASN D 57 -12.97 -30.76 22.92
N ARG D 59 -12.76 -27.48 24.95
CA ARG D 59 -13.51 -26.50 25.72
C ARG D 59 -14.58 -25.97 24.81
N PHE D 60 -15.70 -25.59 25.41
CA PHE D 60 -16.69 -24.78 24.71
C PHE D 60 -17.34 -23.85 25.73
N ASP D 61 -16.54 -22.99 26.35
CA ASP D 61 -16.99 -22.26 27.53
C ASP D 61 -17.83 -21.10 27.08
N ILE D 62 -18.96 -20.87 27.77
CA ILE D 62 -19.85 -19.77 27.43
C ILE D 62 -19.77 -18.70 28.55
N LEU D 63 -19.32 -17.49 28.21
CA LEU D 63 -19.01 -16.46 29.24
C LEU D 63 -19.80 -15.19 29.02
N GLN D 64 -20.09 -14.51 30.12
CA GLN D 64 -20.74 -13.21 30.08
C GLN D 64 -19.84 -12.21 30.76
N SER D 65 -19.68 -11.05 30.12
CA SER D 65 -18.82 -10.00 30.65
C SER D 65 -19.33 -9.52 32.00
N ALA D 66 -18.40 -9.37 32.96
CA ALA D 66 -18.72 -8.74 34.25
C ALA D 66 -19.16 -7.26 34.12
N ASP D 67 -18.57 -6.52 33.18
CA ASP D 67 -18.83 -5.09 33.03
C ASP D 67 -20.07 -4.79 32.20
N ASP D 68 -20.30 -5.60 31.17
CA ASP D 68 -21.43 -5.39 30.27
C ASP D 68 -22.20 -6.69 30.00
N PRO D 69 -23.44 -6.79 30.55
CA PRO D 69 -24.27 -8.00 30.42
C PRO D 69 -24.67 -8.40 28.99
N THR D 70 -24.53 -7.47 28.04
CA THR D 70 -24.84 -7.77 26.64
C THR D 70 -23.62 -8.35 25.88
N ARG D 71 -22.48 -8.46 26.57
CA ARG D 71 -21.27 -8.97 25.93
C ARG D 71 -20.93 -10.35 26.42
N PHE D 72 -20.67 -11.24 25.46
CA PHE D 72 -20.45 -12.67 25.69
C PHE D 72 -19.24 -13.11 24.92
N VAL D 73 -18.66 -14.18 25.42
CA VAL D 73 -17.55 -14.86 24.75
C VAL D 73 -17.84 -16.35 24.66
N LEU D 74 -17.65 -16.95 23.48
CA LEU D 74 -17.61 -18.40 23.36
C LEU D 74 -16.14 -18.79 23.18
N TYR D 75 -15.61 -19.56 24.14
CA TYR D 75 -14.23 -20.02 24.10
C TYR D 75 -14.22 -21.46 23.53
N GLU D 76 -13.91 -21.56 22.24
CA GLU D 76 -14.11 -22.81 21.52
C GLU D 76 -12.74 -23.40 21.27
N ALA D 77 -12.44 -24.51 21.95
CA ALA D 77 -11.11 -25.16 21.86
C ALA D 77 -11.19 -26.60 21.37
N TYR D 78 -10.40 -26.90 20.35
CA TYR D 78 -10.39 -28.24 19.75
C TYR D 78 -8.97 -28.82 19.68
N LYS D 79 -8.88 -30.14 19.55
CA LYS D 79 -7.56 -30.76 19.45
CA LYS D 79 -7.59 -30.81 19.45
C LYS D 79 -6.84 -30.35 18.19
N THR D 80 -7.59 -30.22 17.10
CA THR D 80 -7.06 -29.86 15.80
C THR D 80 -7.97 -28.91 15.05
N ARG D 81 -7.36 -28.26 14.06
CA ARG D 81 -8.07 -27.39 13.11
CA ARG D 81 -8.04 -27.41 13.09
C ARG D 81 -9.22 -28.07 12.38
N LYS D 82 -9.05 -29.34 11.98
CA LYS D 82 -10.12 -30.00 11.26
CA LYS D 82 -10.10 -30.09 11.28
C LYS D 82 -11.30 -30.32 12.18
N ASP D 83 -11.02 -30.59 13.47
CA ASP D 83 -12.10 -30.77 14.45
C ASP D 83 -12.93 -29.51 14.55
N ALA D 84 -12.26 -28.37 14.62
CA ALA D 84 -12.92 -27.08 14.70
C ALA D 84 -13.74 -26.82 13.46
N ALA D 85 -13.17 -27.15 12.28
CA ALA D 85 -13.91 -26.99 11.03
C ALA D 85 -15.21 -27.85 11.03
N ALA D 86 -15.13 -29.06 11.59
CA ALA D 86 -16.27 -29.97 11.63
C ALA D 86 -17.47 -29.36 12.37
N HIS D 87 -17.18 -28.59 13.42
CA HIS D 87 -18.20 -27.91 14.24
C HIS D 87 -19.18 -27.09 13.45
N LYS D 88 -18.69 -26.40 12.41
CA LYS D 88 -19.54 -25.53 11.61
C LYS D 88 -20.43 -26.33 10.64
N GLU D 89 -20.18 -27.63 10.56
CA GLU D 89 -20.96 -28.52 9.70
C GLU D 89 -22.09 -29.20 10.49
N THR D 90 -22.15 -28.94 11.80
CA THR D 90 -23.11 -29.62 12.67
C THR D 90 -24.50 -28.98 12.72
N ALA D 91 -25.53 -29.80 12.94
CA ALA D 91 -26.91 -29.29 12.95
C ALA D 91 -27.10 -28.26 14.06
N HIS D 92 -26.51 -28.51 15.22
CA HIS D 92 -26.60 -27.59 16.39
C HIS D 92 -25.91 -26.23 16.18
N TYR D 93 -24.74 -26.22 15.53
CA TYR D 93 -24.14 -24.94 15.11
C TYR D 93 -25.10 -24.19 14.15
N LEU D 94 -25.61 -24.90 13.14
CA LEU D 94 -26.37 -24.26 12.08
C LEU D 94 -27.66 -23.70 12.68
N THR D 95 -28.23 -24.46 13.60
CA THR D 95 -29.39 -24.04 14.36
C THR D 95 -29.09 -22.79 15.21
N TRP D 96 -28.00 -22.83 15.95
CA TRP D 96 -27.60 -21.69 16.76
C TRP D 96 -27.42 -20.42 15.94
N ARG D 97 -26.63 -20.50 14.86
CA ARG D 97 -26.29 -19.37 14.01
C ARG D 97 -27.57 -18.74 13.49
N ASP D 98 -28.46 -19.59 12.97
CA ASP D 98 -29.68 -19.12 12.36
C ASP D 98 -30.59 -18.49 13.39
N THR D 99 -30.59 -19.01 14.63
CA THR D 99 -31.52 -18.46 15.63
C THR D 99 -31.04 -17.16 16.29
N VAL D 100 -29.71 -16.99 16.42
CA VAL D 100 -29.16 -15.81 17.11
C VAL D 100 -28.90 -14.66 16.16
N ALA D 101 -29.02 -14.91 14.85
CA ALA D 101 -28.60 -13.96 13.82
C ALA D 101 -29.27 -12.59 14.03
N ASP D 102 -30.58 -12.60 14.25
CA ASP D 102 -31.35 -11.39 14.45
C ASP D 102 -31.15 -10.73 15.82
N TRP D 103 -30.55 -11.45 16.77
CA TRP D 103 -30.35 -10.96 18.14
C TRP D 103 -29.02 -10.19 18.37
N ALA D 105 -26.30 -7.36 18.26
CA ALA D 105 -26.19 -5.90 18.21
C ALA D 105 -25.17 -5.46 17.16
N GLU D 106 -24.19 -6.34 16.88
CA GLU D 106 -23.16 -6.12 15.84
C GLU D 106 -22.61 -7.47 15.39
N PRO D 107 -21.89 -7.50 14.25
CA PRO D 107 -21.37 -8.80 13.82
C PRO D 107 -20.35 -9.38 14.81
N ARG D 108 -20.47 -10.67 15.05
CA ARG D 108 -19.54 -11.35 15.96
C ARG D 108 -18.14 -11.34 15.37
N LYS D 109 -17.11 -11.47 16.23
CA LYS D 109 -15.69 -11.42 15.84
C LYS D 109 -15.09 -12.70 16.40
N GLY D 110 -14.50 -13.54 15.55
CA GLY D 110 -13.81 -14.75 16.05
C GLY D 110 -12.31 -14.53 15.87
N VAL D 111 -11.55 -14.81 16.93
CA VAL D 111 -10.10 -14.56 16.94
C VAL D 111 -9.40 -15.91 17.20
N ILE D 112 -8.52 -16.29 16.27
CA ILE D 112 -7.89 -17.64 16.30
C ILE D 112 -6.57 -17.66 17.08
N TYR D 113 -6.35 -18.73 17.84
CA TYR D 113 -5.18 -18.91 18.70
C TYR D 113 -4.66 -20.33 18.56
N GLY D 114 -3.36 -20.49 18.76
CA GLY D 114 -2.70 -21.80 18.93
C GLY D 114 -2.49 -22.02 20.44
N GLY D 115 -2.91 -23.18 20.95
CA GLY D 115 -2.64 -23.55 22.37
C GLY D 115 -1.20 -23.96 22.59
N LEU D 116 -0.51 -23.23 23.45
CA LEU D 116 0.84 -23.56 23.86
C LEU D 116 0.86 -24.51 25.08
N TYR D 117 0.07 -24.18 26.13
CA TYR D 117 -0.13 -25.02 27.33
C TYR D 117 -1.63 -25.10 27.67
N PRO D 118 -2.10 -26.28 28.14
CA PRO D 118 -1.31 -27.54 28.28
C PRO D 118 -0.95 -28.16 26.92
N THR D 119 0.14 -28.92 26.86
CA THR D 119 0.62 -29.48 25.59
C THR D 119 -0.20 -30.69 25.10
N TYR E 24 7.86 6.90 8.42
CA TYR E 24 6.75 7.63 8.97
C TYR E 24 7.31 8.51 10.09
N VAL E 25 7.17 9.82 9.92
CA VAL E 25 7.77 10.77 10.84
C VAL E 25 6.70 11.70 11.43
N THR E 26 6.67 11.78 12.76
CA THR E 26 5.93 12.81 13.49
C THR E 26 6.82 13.81 14.23
N ILE E 27 6.75 15.09 13.89
CA ILE E 27 7.50 16.10 14.64
C ILE E 27 6.55 16.65 15.71
N VAL E 28 6.91 16.46 16.96
CA VAL E 28 6.02 16.83 18.05
C VAL E 28 6.65 18.05 18.71
N TYR E 29 5.90 19.14 18.75
CA TYR E 29 6.35 20.41 19.30
C TYR E 29 5.73 20.60 20.67
N ALA E 30 6.61 20.72 21.66
CA ALA E 30 6.18 20.96 23.03
C ALA E 30 6.65 22.34 23.51
N SER E 31 5.69 23.19 23.85
CA SER E 31 6.01 24.41 24.58
CA SER E 31 5.94 24.43 24.58
C SER E 31 5.73 24.18 26.06
N VAL E 32 6.82 24.24 26.83
CA VAL E 32 6.79 23.90 28.26
C VAL E 32 6.76 25.19 29.09
N LYS E 33 6.03 25.13 30.19
CA LYS E 33 6.01 26.23 31.16
C LYS E 33 7.42 26.61 31.58
N THR E 34 7.64 27.91 31.76
CA THR E 34 9.00 28.37 32.02
C THR E 34 9.64 27.67 33.22
N ASP E 35 8.85 27.40 34.26
CA ASP E 35 9.37 26.72 35.45
C ASP E 35 9.23 25.18 35.51
N LYS E 36 8.91 24.53 34.38
CA LYS E 36 8.87 23.05 34.30
C LYS E 36 9.86 22.53 33.24
N THR E 37 10.66 23.45 32.73
CA THR E 37 11.67 23.17 31.74
C THR E 37 12.64 22.02 32.13
N GLU E 38 13.17 22.05 33.36
CA GLU E 38 14.05 21.01 33.86
C GLU E 38 13.31 19.72 34.20
N ALA E 39 12.11 19.86 34.76
CA ALA E 39 11.27 18.72 35.06
C ALA E 39 10.99 17.93 33.76
N PHE E 40 10.74 18.67 32.67
CA PHE E 40 10.41 18.08 31.36
C PHE E 40 11.55 17.23 30.77
N LYS E 41 12.76 17.80 30.78
CA LYS E 41 13.96 17.15 30.30
C LYS E 41 14.24 15.88 31.06
N GLU E 42 14.07 15.94 32.37
CA GLU E 42 14.26 14.79 33.22
C GLU E 42 13.28 13.68 32.84
N ALA E 43 11.99 14.02 32.71
CA ALA E 43 10.92 13.05 32.46
C ALA E 43 11.05 12.42 31.06
N THR E 44 11.51 13.22 30.11
CA THR E 44 11.59 12.82 28.68
C THR E 44 12.80 11.89 28.38
N ARG E 45 13.89 12.06 29.11
CA ARG E 45 15.04 11.15 29.02
C ARG E 45 14.57 9.70 29.09
N ASN E 47 11.48 8.50 28.44
CA ASN E 47 10.72 8.21 27.20
C ASN E 47 11.66 7.87 26.01
N HIS E 48 12.67 8.70 25.82
CA HIS E 48 13.66 8.46 24.81
C HIS E 48 14.35 7.08 24.96
N GLU E 49 14.88 6.81 26.15
CA GLU E 49 15.67 5.59 26.38
C GLU E 49 14.92 4.30 26.01
N GLN E 50 13.62 4.24 26.35
CA GLN E 50 12.80 3.06 26.00
C GLN E 50 12.34 3.04 24.53
N SER E 51 11.96 4.20 24.01
CA SER E 51 11.39 4.34 22.66
C SER E 51 12.36 3.97 21.54
N ILE E 52 13.62 4.27 21.76
CA ILE E 52 14.69 3.94 20.82
CA ILE E 52 14.72 3.95 20.86
C ILE E 52 14.90 2.42 20.68
N ARG E 53 14.36 1.65 21.63
CA ARG E 53 14.44 0.19 21.61
CA ARG E 53 14.43 0.19 21.62
C ARG E 53 13.25 -0.45 20.89
N GLU E 54 12.25 0.36 20.54
CA GLU E 54 11.04 -0.13 19.84
C GLU E 54 11.41 -0.66 18.45
N PRO E 55 10.81 -1.80 18.02
CA PRO E 55 11.31 -2.56 16.85
C PRO E 55 11.14 -1.88 15.49
N GLY E 56 10.14 -1.00 15.36
CA GLY E 56 9.96 -0.25 14.12
C GLY E 56 10.62 1.12 14.14
N ASN E 57 11.33 1.44 15.22
CA ASN E 57 11.86 2.78 15.42
C ASN E 57 13.14 3.12 14.66
N ARG E 59 14.26 6.92 14.51
CA ARG E 59 14.81 7.91 15.40
C ARG E 59 13.79 8.36 16.43
N PHE E 60 14.28 8.69 17.60
CA PHE E 60 13.39 9.29 18.60
C PHE E 60 14.23 10.36 19.23
N ASP E 61 14.52 11.39 18.44
CA ASP E 61 15.47 12.41 18.89
C ASP E 61 14.75 13.43 19.75
N ILE E 62 15.34 13.69 20.92
CA ILE E 62 14.80 14.71 21.79
C ILE E 62 15.73 15.91 21.67
N LEU E 63 15.13 17.01 21.24
CA LEU E 63 15.85 18.21 20.89
C LEU E 63 15.25 19.34 21.66
N GLN E 64 16.10 20.33 21.97
CA GLN E 64 15.70 21.54 22.68
C GLN E 64 16.35 22.65 21.94
N SER E 65 15.58 23.71 21.79
CA SER E 65 15.98 24.87 21.01
CA SER E 65 15.97 24.86 21.00
C SER E 65 17.28 25.47 21.48
N ALA E 66 18.19 25.75 20.55
CA ALA E 66 19.43 26.41 20.93
C ALA E 66 19.13 27.77 21.58
N ASP E 67 18.05 28.42 21.11
CA ASP E 67 17.76 29.82 21.47
C ASP E 67 16.57 30.05 22.41
N ASP E 68 15.90 28.95 22.78
CA ASP E 68 14.81 29.04 23.75
C ASP E 68 14.69 27.74 24.54
N PRO E 69 14.91 27.82 25.88
CA PRO E 69 14.94 26.59 26.71
C PRO E 69 13.56 25.95 26.84
N THR E 70 12.50 26.83 26.76
CA THR E 70 11.12 26.29 26.91
C THR E 70 10.52 25.53 25.65
N ARG E 71 11.23 25.58 24.51
CA ARG E 71 10.69 24.87 23.33
C ARG E 71 11.46 23.64 22.91
N PHE E 72 10.76 22.49 22.89
CA PHE E 72 11.34 21.20 22.62
C PHE E 72 10.68 20.61 21.39
N VAL E 73 11.41 19.68 20.77
CA VAL E 73 10.91 18.88 19.70
C VAL E 73 11.23 17.44 19.99
N LEU E 74 10.23 16.58 19.84
CA LEU E 74 10.45 15.15 19.82
C LEU E 74 10.30 14.78 18.35
N TYR E 75 11.41 14.31 17.78
CA TYR E 75 11.48 13.87 16.37
C TYR E 75 11.35 12.35 16.32
N GLU E 76 10.12 11.93 16.06
CA GLU E 76 9.72 10.55 16.19
C GLU E 76 9.59 9.91 14.81
N ALA E 77 10.55 9.07 14.45
CA ALA E 77 10.56 8.41 13.14
C ALA E 77 10.50 6.89 13.20
N TYR E 78 9.62 6.32 12.39
CA TYR E 78 9.32 4.87 12.44
C TYR E 78 9.21 4.31 11.02
N LYS E 79 9.31 3.00 10.88
CA LYS E 79 9.27 2.39 9.55
C LYS E 79 7.90 2.53 8.95
N THR E 80 6.89 2.34 9.78
CA THR E 80 5.51 2.61 9.41
C THR E 80 4.75 3.36 10.47
N ARG E 81 3.57 3.78 10.02
CA ARG E 81 2.50 4.27 10.88
C ARG E 81 2.21 3.25 11.99
N LYS E 82 2.06 1.98 11.62
CA LYS E 82 1.84 0.90 12.59
C LYS E 82 2.73 0.97 13.83
N ASP E 83 4.03 1.12 13.59
CA ASP E 83 5.02 1.25 14.65
C ASP E 83 4.81 2.51 15.47
N ALA E 84 4.61 3.65 14.80
CA ALA E 84 4.25 4.89 15.51
C ALA E 84 3.02 4.67 16.41
N ALA E 85 1.99 4.02 15.87
CA ALA E 85 0.78 3.75 16.65
C ALA E 85 1.12 2.95 17.91
N ALA E 86 2.00 1.96 17.77
CA ALA E 86 2.32 1.06 18.88
C ALA E 86 3.08 1.79 19.98
N HIS E 87 3.86 2.80 19.60
CA HIS E 87 4.60 3.62 20.56
C HIS E 87 3.63 4.18 21.62
N LYS E 88 2.46 4.62 21.17
CA LYS E 88 1.52 5.26 22.07
C LYS E 88 0.80 4.27 23.00
N GLU E 89 1.14 2.97 22.88
CA GLU E 89 0.52 1.91 23.69
C GLU E 89 1.46 1.44 24.82
N THR E 90 2.71 1.89 24.75
CA THR E 90 3.73 1.44 25.69
C THR E 90 3.58 2.09 27.06
N ALA E 91 4.02 1.39 28.08
CA ALA E 91 4.02 1.91 29.43
C ALA E 91 4.77 3.23 29.54
N HIS E 92 5.94 3.33 28.90
CA HIS E 92 6.80 4.52 29.03
C HIS E 92 6.17 5.77 28.41
N TYR E 93 5.53 5.61 27.26
CA TYR E 93 4.78 6.71 26.68
C TYR E 93 3.68 7.19 27.63
N LEU E 94 2.91 6.25 28.17
CA LEU E 94 1.74 6.57 28.98
C LEU E 94 2.18 7.27 30.25
N THR E 95 3.28 6.79 30.82
CA THR E 95 3.86 7.38 32.02
C THR E 95 4.35 8.80 31.76
N TRP E 96 5.08 8.96 30.67
CA TRP E 96 5.55 10.26 30.23
C TRP E 96 4.37 11.22 30.04
N ARG E 97 3.36 10.79 29.27
CA ARG E 97 2.22 11.65 28.90
C ARG E 97 1.55 12.15 30.18
N ASP E 98 1.31 11.21 31.09
CA ASP E 98 0.65 11.51 32.36
C ASP E 98 1.51 12.43 33.23
N THR E 99 2.82 12.23 33.20
CA THR E 99 3.72 13.03 34.03
C THR E 99 3.84 14.49 33.58
N VAL E 100 3.96 14.68 32.26
CA VAL E 100 4.19 16.03 31.69
C VAL E 100 2.94 16.84 31.36
N ALA E 101 1.76 16.20 31.42
CA ALA E 101 0.50 16.88 31.05
C ALA E 101 0.33 18.27 31.66
N ASP E 102 0.57 18.41 32.95
CA ASP E 102 0.41 19.71 33.60
C ASP E 102 1.54 20.67 33.30
N TRP E 103 2.55 20.21 32.60
CA TRP E 103 3.73 21.05 32.38
C TRP E 103 3.71 21.79 31.06
N ALA E 105 2.49 24.39 28.39
CA ALA E 105 1.88 25.71 28.26
C ALA E 105 0.66 25.69 27.32
N GLU E 106 0.64 24.71 26.41
CA GLU E 106 -0.59 24.33 25.68
C GLU E 106 -0.44 22.94 25.07
N PRO E 107 -1.55 22.33 24.55
CA PRO E 107 -1.43 20.98 23.99
C PRO E 107 -0.34 20.92 22.94
N ARG E 108 0.49 19.88 23.03
CA ARG E 108 1.55 19.60 22.05
C ARG E 108 0.98 19.61 20.63
N LYS E 109 1.80 20.05 19.67
CA LYS E 109 1.41 20.03 18.26
C LYS E 109 2.10 18.83 17.65
N GLY E 110 1.38 18.05 16.84
CA GLY E 110 2.07 17.03 16.06
C GLY E 110 1.98 17.30 14.56
N VAL E 111 3.02 17.02 13.82
CA VAL E 111 2.93 17.21 12.36
C VAL E 111 3.49 15.96 11.72
N ILE E 112 2.69 15.32 10.88
CA ILE E 112 3.14 14.02 10.32
C ILE E 112 3.75 14.25 8.95
N TYR E 113 4.87 13.59 8.71
CA TYR E 113 5.54 13.63 7.41
C TYR E 113 5.82 12.20 6.90
N GLY E 114 6.05 12.08 5.60
CA GLY E 114 6.70 10.88 5.06
C GLY E 114 8.13 11.24 4.69
N GLY E 115 9.05 10.30 4.93
CA GLY E 115 10.41 10.50 4.52
C GLY E 115 10.53 10.31 3.03
N LEU E 116 11.08 11.29 2.32
CA LEU E 116 11.44 11.06 0.93
C LEU E 116 12.81 10.40 0.91
N TYR E 117 13.70 10.88 1.77
CA TYR E 117 15.11 10.42 1.82
C TYR E 117 15.64 10.40 3.26
N GLY F 21 24.72 20.78 22.79
CA GLY F 21 24.36 19.37 23.13
C GLY F 21 25.55 18.46 22.83
N HIS F 22 25.26 17.22 22.45
CA HIS F 22 26.21 16.48 21.66
C HIS F 22 25.83 16.75 20.22
N TYR F 24 24.26 18.10 16.84
CA TYR F 24 23.88 19.41 16.33
C TYR F 24 22.79 19.26 15.27
N VAL F 25 21.67 19.98 15.40
CA VAL F 25 20.49 19.78 14.53
C VAL F 25 19.92 21.08 13.96
N THR F 26 19.79 21.12 12.63
CA THR F 26 19.03 22.19 11.98
C THR F 26 17.78 21.61 11.27
N ILE F 27 16.59 22.12 11.64
CA ILE F 27 15.31 21.73 10.99
C ILE F 27 14.97 22.83 9.99
N VAL F 28 15.07 22.50 8.70
CA VAL F 28 14.86 23.47 7.63
C VAL F 28 13.45 23.29 7.01
N TYR F 29 12.63 24.33 7.11
CA TYR F 29 11.29 24.31 6.54
C TYR F 29 11.26 24.96 5.16
N ALA F 30 10.59 24.31 4.20
CA ALA F 30 10.35 24.86 2.84
C ALA F 30 8.88 24.81 2.42
N SER F 31 8.35 25.96 2.02
CA SER F 31 6.98 26.03 1.51
C SER F 31 7.08 26.29 0.00
N VAL F 32 6.85 25.25 -0.80
CA VAL F 32 7.13 25.34 -2.23
C VAL F 32 5.83 25.71 -2.94
N LYS F 33 5.91 26.38 -4.10
CA LYS F 33 4.75 26.71 -4.91
C LYS F 33 4.09 25.44 -5.37
N THR F 34 2.75 25.46 -5.46
CA THR F 34 2.05 24.22 -5.78
C THR F 34 2.51 23.48 -7.06
N ASP F 35 2.89 24.24 -8.09
CA ASP F 35 3.32 23.72 -9.40
C ASP F 35 4.79 23.31 -9.43
N LYS F 36 5.48 23.36 -8.27
CA LYS F 36 6.91 23.04 -8.22
C LYS F 36 7.29 21.96 -7.18
N THR F 37 6.29 21.25 -6.65
CA THR F 37 6.64 20.21 -5.67
C THR F 37 7.59 19.15 -6.27
N GLU F 38 7.30 18.64 -7.47
CA GLU F 38 8.17 17.61 -8.09
C GLU F 38 9.53 18.19 -8.45
N ALA F 39 9.56 19.43 -8.93
CA ALA F 39 10.83 20.10 -9.23
C ALA F 39 11.70 20.20 -7.94
N PHE F 40 11.07 20.62 -6.83
CA PHE F 40 11.79 20.75 -5.56
C PHE F 40 12.31 19.43 -5.04
N LYS F 41 11.54 18.36 -5.16
CA LYS F 41 11.96 17.07 -4.63
CA LYS F 41 11.93 17.02 -4.68
C LYS F 41 13.15 16.55 -5.45
N GLU F 42 13.10 16.78 -6.76
CA GLU F 42 14.16 16.38 -7.65
C GLU F 42 15.46 17.09 -7.28
N ALA F 43 15.41 18.40 -7.15
CA ALA F 43 16.59 19.19 -6.75
C ALA F 43 17.10 18.79 -5.36
N THR F 44 16.17 18.44 -4.46
CA THR F 44 16.53 18.18 -3.06
C THR F 44 17.17 16.81 -2.86
N ARG F 45 16.84 15.88 -3.77
CA ARG F 45 17.37 14.50 -3.77
C ARG F 45 18.92 14.44 -3.94
N ASN F 47 21.25 16.69 -3.26
CA ASN F 47 21.70 17.06 -1.94
C ASN F 47 21.74 15.91 -0.90
N HIS F 48 20.62 15.21 -0.71
CA HIS F 48 20.59 14.12 0.26
C HIS F 48 21.65 13.03 -0.02
N GLU F 49 21.68 12.53 -1.27
CA GLU F 49 22.50 11.38 -1.57
C GLU F 49 23.94 11.62 -1.13
N GLN F 50 24.43 12.82 -1.40
CA GLN F 50 25.79 13.17 -1.01
C GLN F 50 25.93 13.61 0.43
N SER F 51 24.91 14.27 0.97
CA SER F 51 25.08 14.75 2.36
C SER F 51 25.10 13.65 3.43
N ILE F 52 24.34 12.56 3.20
CA ILE F 52 24.43 11.38 4.11
C ILE F 52 25.83 10.73 4.13
N ARG F 53 26.56 10.93 3.04
CA ARG F 53 27.97 10.60 2.95
C ARG F 53 28.75 11.92 3.00
N GLU F 54 28.68 12.56 4.17
CA GLU F 54 29.56 13.66 4.57
C GLU F 54 29.99 13.31 6.01
N PRO F 55 31.31 13.35 6.31
CA PRO F 55 31.82 13.02 7.66
C PRO F 55 31.11 13.79 8.78
N GLY F 56 30.67 13.07 9.80
CA GLY F 56 29.98 13.68 10.93
C GLY F 56 28.47 13.73 10.80
N ASN F 57 27.93 13.33 9.65
CA ASN F 57 26.48 13.34 9.48
C ASN F 57 25.84 12.16 10.23
N ARG F 59 21.93 12.33 10.52
CA ARG F 59 20.63 12.32 9.86
C ARG F 59 20.64 13.38 8.78
N PHE F 60 20.17 13.00 7.60
CA PHE F 60 19.84 13.99 6.60
C PHE F 60 18.52 13.59 5.96
N ASP F 61 17.46 13.65 6.78
CA ASP F 61 16.11 13.29 6.36
C ASP F 61 15.39 14.42 5.64
N ILE F 62 14.78 14.09 4.50
CA ILE F 62 14.03 15.09 3.74
C ILE F 62 12.60 14.59 3.84
N LEU F 63 11.74 15.46 4.33
CA LEU F 63 10.39 15.03 4.73
C LEU F 63 9.38 15.83 3.93
N GLN F 64 8.26 15.21 3.56
CA GLN F 64 7.19 15.93 2.89
C GLN F 64 5.95 15.77 3.73
N SER F 65 5.26 16.88 4.00
CA SER F 65 4.17 16.81 4.93
C SER F 65 3.01 15.90 4.40
N ALA F 66 2.42 15.12 5.29
CA ALA F 66 1.30 14.25 4.92
C ALA F 66 0.07 15.08 4.58
N ASP F 67 -0.10 16.22 5.24
CA ASP F 67 -1.29 17.08 4.99
C ASP F 67 -1.17 17.99 3.78
N ASP F 68 0.08 18.27 3.37
CA ASP F 68 0.29 19.31 2.34
C ASP F 68 1.52 18.95 1.57
N PRO F 69 1.37 18.39 0.36
CA PRO F 69 2.54 18.02 -0.47
C PRO F 69 3.53 19.20 -0.75
N THR F 70 3.09 20.45 -0.54
CA THR F 70 3.97 21.59 -0.87
C THR F 70 4.92 21.93 0.31
N ARG F 71 4.66 21.33 1.47
CA ARG F 71 5.44 21.60 2.68
C ARG F 71 6.45 20.51 2.96
N PHE F 72 7.72 20.89 3.06
CA PHE F 72 8.84 20.00 3.23
C PHE F 72 9.67 20.39 4.45
N VAL F 73 10.44 19.42 4.95
CA VAL F 73 11.38 19.66 6.02
C VAL F 73 12.67 18.95 5.70
N LEU F 74 13.78 19.66 5.86
CA LEU F 74 15.09 19.06 5.80
C LEU F 74 15.57 18.99 7.25
N TYR F 75 15.79 17.77 7.72
CA TYR F 75 16.20 17.51 9.10
C TYR F 75 17.69 17.19 9.06
N GLU F 76 18.52 18.18 9.28
CA GLU F 76 19.97 18.03 9.12
C GLU F 76 20.72 17.90 10.47
N ALA F 77 21.18 16.68 10.77
CA ALA F 77 21.85 16.40 12.07
C ALA F 77 23.29 15.92 11.90
N TYR F 78 24.17 16.51 12.72
CA TYR F 78 25.60 16.22 12.70
C TYR F 78 26.19 15.98 14.11
N LYS F 79 27.36 15.34 14.17
CA LYS F 79 28.04 15.14 15.46
C LYS F 79 28.46 16.50 16.09
N THR F 80 28.84 17.46 15.25
CA THR F 80 29.29 18.76 15.73
C THR F 80 28.70 19.87 14.87
N ARG F 81 28.68 21.10 15.41
CA ARG F 81 28.30 22.28 14.62
C ARG F 81 29.30 22.55 13.46
N LYS F 82 30.60 22.31 13.72
CA LYS F 82 31.66 22.36 12.72
CA LYS F 82 31.63 22.39 12.70
C LYS F 82 31.36 21.48 11.50
N ASP F 83 30.80 20.30 11.75
CA ASP F 83 30.41 19.38 10.67
C ASP F 83 29.31 19.98 9.78
N ALA F 84 28.27 20.54 10.42
CA ALA F 84 27.15 21.22 9.72
C ALA F 84 27.64 22.47 8.98
N ALA F 85 28.55 23.23 9.61
CA ALA F 85 29.17 24.41 8.99
C ALA F 85 29.83 24.08 7.65
N ALA F 86 30.41 22.87 7.56
CA ALA F 86 31.11 22.37 6.37
C ALA F 86 30.09 22.03 5.29
N HIS F 87 28.85 21.73 5.70
CA HIS F 87 27.81 21.42 4.71
C HIS F 87 27.45 22.59 3.78
N LYS F 88 27.35 23.82 4.31
CA LYS F 88 27.10 24.98 3.44
C LYS F 88 28.29 25.30 2.50
N GLU F 89 29.42 24.64 2.74
CA GLU F 89 30.62 24.80 1.92
CA GLU F 89 30.59 24.82 1.89
C GLU F 89 30.70 23.81 0.75
N THR F 90 29.79 22.83 0.73
CA THR F 90 29.84 21.76 -0.29
C THR F 90 29.29 22.24 -1.63
N ALA F 91 29.80 21.67 -2.73
CA ALA F 91 29.25 21.97 -4.05
C ALA F 91 27.75 21.66 -4.08
N HIS F 92 27.40 20.44 -3.63
CA HIS F 92 26.04 19.97 -3.72
C HIS F 92 25.06 20.87 -2.95
N TYR F 93 25.48 21.44 -1.81
CA TYR F 93 24.61 22.44 -1.13
C TYR F 93 24.41 23.74 -1.94
N LEU F 94 25.47 24.20 -2.59
CA LEU F 94 25.43 25.42 -3.41
C LEU F 94 24.57 25.27 -4.68
N THR F 95 24.77 24.13 -5.37
CA THR F 95 23.90 23.71 -6.46
C THR F 95 22.42 23.73 -6.03
N TRP F 96 22.07 22.95 -4.97
CA TRP F 96 20.69 22.88 -4.44
C TRP F 96 20.10 24.27 -4.12
N ARG F 97 20.77 24.98 -3.23
CA ARG F 97 20.41 26.35 -2.87
C ARG F 97 20.00 27.21 -4.08
N ASP F 98 20.83 27.21 -5.12
CA ASP F 98 20.61 28.05 -6.31
C ASP F 98 19.42 27.58 -7.15
N THR F 99 19.31 26.27 -7.29
CA THR F 99 18.27 25.67 -8.16
C THR F 99 16.85 25.95 -7.66
N VAL F 100 16.62 25.72 -6.37
CA VAL F 100 15.27 25.83 -5.81
CA VAL F 100 15.27 25.83 -5.83
C VAL F 100 14.84 27.25 -5.47
N ALA F 101 15.82 28.15 -5.42
CA ALA F 101 15.55 29.49 -4.91
C ALA F 101 14.29 30.13 -5.50
N ASP F 102 14.00 29.83 -6.76
CA ASP F 102 12.87 30.43 -7.47
CA ASP F 102 12.87 30.37 -7.56
C ASP F 102 11.51 29.72 -7.25
N TRP F 103 11.51 28.58 -6.56
CA TRP F 103 10.27 27.79 -6.43
C TRP F 103 9.65 27.92 -5.05
N ALA F 105 7.50 29.29 -2.11
CA ALA F 105 6.31 30.12 -1.95
C ALA F 105 6.46 31.10 -0.77
N GLU F 106 7.44 30.89 0.10
CA GLU F 106 7.82 31.87 1.11
C GLU F 106 9.24 31.52 1.52
N PRO F 107 9.95 32.47 2.16
CA PRO F 107 11.28 32.22 2.71
C PRO F 107 11.47 30.91 3.50
N ARG F 108 12.61 30.24 3.23
CA ARG F 108 13.03 29.07 4.00
CA ARG F 108 13.06 29.08 3.99
C ARG F 108 13.45 29.45 5.41
N LYS F 109 13.13 28.58 6.38
CA LYS F 109 13.43 28.81 7.81
C LYS F 109 14.26 27.65 8.35
N GLY F 110 15.37 27.98 9.02
CA GLY F 110 16.19 26.97 9.66
C GLY F 110 16.12 27.20 11.16
N VAL F 111 15.84 26.14 11.93
CA VAL F 111 15.73 26.29 13.40
C VAL F 111 16.71 25.35 14.05
N ILE F 112 17.62 25.92 14.85
CA ILE F 112 18.74 25.15 15.42
C ILE F 112 18.35 24.52 16.78
N TYR F 113 18.79 23.27 16.99
CA TYR F 113 18.55 22.54 18.22
C TYR F 113 19.80 21.84 18.70
N GLY F 114 19.82 21.53 20.01
CA GLY F 114 20.87 20.66 20.51
C GLY F 114 20.22 19.34 20.80
N GLY F 115 20.93 18.23 20.62
CA GLY F 115 20.35 16.94 20.97
C GLY F 115 20.52 16.66 22.45
N LEU F 116 19.41 16.43 23.15
CA LEU F 116 19.50 16.09 24.56
C LEU F 116 19.57 14.56 24.64
N GLY G 21 -22.00 -16.70 39.15
CA GLY G 21 -21.82 -17.53 37.91
C GLY G 21 -21.66 -19.01 38.23
N HIS G 22 -20.80 -19.68 37.48
CA HIS G 22 -20.38 -21.05 37.83
C HIS G 22 -18.85 -21.14 37.75
N TYR G 24 -15.32 -18.16 37.57
CA TYR G 24 -14.78 -16.81 37.50
C TYR G 24 -13.63 -16.83 36.50
N VAL G 25 -13.75 -16.03 35.43
CA VAL G 25 -12.79 -16.11 34.33
C VAL G 25 -12.13 -14.77 34.11
N THR G 26 -10.82 -14.77 34.09
CA THR G 26 -10.02 -13.65 33.60
C THR G 26 -9.29 -13.95 32.26
N ILE G 27 -9.54 -13.15 31.23
CA ILE G 27 -8.82 -13.37 29.97
C ILE G 27 -7.76 -12.27 29.96
N VAL G 28 -6.50 -12.68 30.03
CA VAL G 28 -5.39 -11.75 30.13
C VAL G 28 -4.72 -11.68 28.76
N TYR G 29 -4.60 -10.46 28.26
CA TYR G 29 -3.99 -10.17 26.96
C TYR G 29 -2.60 -9.57 27.22
N ALA G 30 -1.59 -10.22 26.65
CA ALA G 30 -0.18 -9.80 26.79
C ALA G 30 0.40 -9.59 25.40
N SER G 31 1.04 -8.42 25.23
CA SER G 31 1.79 -8.08 24.02
C SER G 31 3.25 -8.06 24.42
N VAL G 32 4.02 -8.92 23.78
CA VAL G 32 5.37 -9.23 24.23
C VAL G 32 6.37 -8.56 23.27
N LYS G 33 7.48 -8.08 23.80
CA LYS G 33 8.53 -7.56 22.90
C LYS G 33 9.05 -8.65 21.94
N THR G 34 9.35 -8.28 20.69
CA THR G 34 9.62 -9.24 19.61
C THR G 34 10.82 -10.16 19.87
N ASP G 35 11.74 -9.72 20.71
CA ASP G 35 12.93 -10.53 20.96
C ASP G 35 12.78 -11.36 22.24
N LYS G 36 11.60 -11.30 22.85
CA LYS G 36 11.37 -11.94 24.17
C LYS G 36 10.31 -13.01 24.16
N THR G 37 9.88 -13.46 22.99
CA THR G 37 8.74 -14.40 22.94
C THR G 37 9.10 -15.78 23.48
N GLU G 38 10.30 -16.26 23.15
CA GLU G 38 10.77 -17.54 23.69
C GLU G 38 10.93 -17.48 25.22
N ALA G 39 11.52 -16.39 25.73
CA ALA G 39 11.70 -16.22 27.18
C ALA G 39 10.34 -16.11 27.90
N PHE G 40 9.44 -15.35 27.30
CA PHE G 40 8.07 -15.23 27.80
C PHE G 40 7.37 -16.59 27.87
N LYS G 41 7.46 -17.38 26.79
CA LYS G 41 6.86 -18.71 26.76
C LYS G 41 7.35 -19.61 27.91
N GLU G 42 8.68 -19.67 28.10
CA GLU G 42 9.28 -20.43 29.18
C GLU G 42 8.83 -19.96 30.59
N ALA G 43 8.86 -18.66 30.85
CA ALA G 43 8.42 -18.18 32.16
C ALA G 43 6.95 -18.48 32.40
N THR G 44 6.16 -18.40 31.33
CA THR G 44 4.74 -18.64 31.37
C THR G 44 4.40 -20.10 31.53
N ARG G 45 5.17 -20.99 30.89
CA ARG G 45 5.13 -22.42 31.22
C ARG G 45 5.21 -22.71 32.75
N ASN G 47 4.56 -20.70 35.27
CA ASN G 47 3.31 -20.17 35.82
C ASN G 47 2.17 -21.14 35.57
N HIS G 48 2.01 -21.54 34.32
CA HIS G 48 0.97 -22.51 33.92
C HIS G 48 1.08 -23.79 34.78
N GLU G 49 2.27 -24.39 34.84
CA GLU G 49 2.39 -25.71 35.50
C GLU G 49 2.00 -25.67 36.95
N GLN G 50 2.31 -24.56 37.61
CA GLN G 50 1.98 -24.45 39.01
C GLN G 50 0.54 -23.98 39.23
N SER G 51 0.02 -23.16 38.33
CA SER G 51 -1.34 -22.62 38.49
C SER G 51 -2.43 -23.65 38.30
N ILE G 52 -2.24 -24.61 37.39
CA ILE G 52 -3.26 -25.66 37.18
C ILE G 52 -3.38 -26.62 38.38
N ARG G 53 -2.43 -26.50 39.30
CA ARG G 53 -2.43 -27.23 40.57
C ARG G 53 -3.02 -26.43 41.75
N GLU G 54 -3.47 -25.20 41.49
CA GLU G 54 -4.07 -24.40 42.53
C GLU G 54 -5.48 -24.91 42.83
N PRO G 55 -5.86 -24.94 44.13
CA PRO G 55 -7.25 -25.28 44.47
C PRO G 55 -8.20 -24.35 43.70
N GLY G 56 -9.21 -24.91 43.07
CA GLY G 56 -10.21 -24.07 42.42
C GLY G 56 -9.85 -23.72 41.01
N ASN G 57 -8.59 -23.95 40.58
CA ASN G 57 -8.27 -23.68 39.18
C ASN G 57 -9.02 -24.61 38.23
N ARG G 59 -9.11 -23.68 34.41
CA ARG G 59 -8.26 -23.59 33.20
C ARG G 59 -7.14 -22.61 33.51
N PHE G 60 -6.01 -22.82 32.85
CA PHE G 60 -4.98 -21.81 32.84
C PHE G 60 -4.33 -21.91 31.47
N ASP G 61 -5.14 -21.78 30.41
CA ASP G 61 -4.66 -22.04 29.06
C ASP G 61 -3.72 -20.91 28.62
N ILE G 62 -2.60 -21.25 27.97
CA ILE G 62 -1.65 -20.28 27.44
C ILE G 62 -1.73 -20.37 25.92
N LEU G 63 -2.06 -19.24 25.30
CA LEU G 63 -2.38 -19.19 23.86
C LEU G 63 -1.50 -18.17 23.17
N GLN G 64 -1.13 -18.46 21.90
CA GLN G 64 -0.44 -17.47 21.09
C GLN G 64 -1.36 -17.12 19.91
N SER G 65 -1.61 -15.83 19.70
CA SER G 65 -2.46 -15.33 18.60
C SER G 65 -1.95 -15.81 17.22
N ALA G 66 -2.88 -16.31 16.39
CA ALA G 66 -2.57 -16.68 15.00
C ALA G 66 -2.30 -15.43 14.16
N ASP G 67 -2.97 -14.32 14.49
CA ASP G 67 -2.80 -13.06 13.75
C ASP G 67 -1.50 -12.31 14.01
N ASP G 68 -0.92 -12.50 15.21
CA ASP G 68 0.31 -11.81 15.59
C ASP G 68 1.08 -12.60 16.66
N PRO G 69 2.25 -13.14 16.27
CA PRO G 69 2.94 -14.09 17.16
C PRO G 69 3.48 -13.46 18.44
N THR G 70 3.45 -12.13 18.55
CA THR G 70 3.85 -11.48 19.78
C THR G 70 2.67 -11.27 20.76
N ARG G 71 1.46 -11.67 20.37
CA ARG G 71 0.30 -11.48 21.25
CA ARG G 71 0.30 -11.48 21.25
C ARG G 71 -0.09 -12.83 21.82
N PHE G 72 -0.31 -12.85 23.12
CA PHE G 72 -0.64 -14.09 23.82
C PHE G 72 -1.85 -13.82 24.69
N VAL G 73 -2.51 -14.91 25.10
CA VAL G 73 -3.61 -14.84 26.02
C VAL G 73 -3.34 -15.88 27.10
N LEU G 74 -3.64 -15.49 28.32
CA LEU G 74 -3.71 -16.41 29.44
C LEU G 74 -5.19 -16.46 29.82
N TYR G 75 -5.79 -17.62 29.63
CA TYR G 75 -7.21 -17.80 29.94
C TYR G 75 -7.28 -18.45 31.33
N GLU G 76 -7.56 -17.62 32.36
CA GLU G 76 -7.45 -18.05 33.74
C GLU G 76 -8.83 -18.22 34.34
N ALA G 77 -9.24 -19.48 34.51
CA ALA G 77 -10.58 -19.79 34.95
C ALA G 77 -10.50 -20.47 36.32
N TYR G 78 -11.28 -19.98 37.29
CA TYR G 78 -11.33 -20.54 38.65
C TYR G 78 -12.76 -20.79 39.11
N LYS G 79 -12.98 -21.64 40.10
CA LYS G 79 -14.32 -21.88 40.66
CA LYS G 79 -14.33 -21.85 40.60
C LYS G 79 -14.92 -20.57 41.18
N THR G 80 -14.08 -19.78 41.87
CA THR G 80 -14.54 -18.50 42.48
C THR G 80 -13.52 -17.36 42.37
N ARG G 81 -14.05 -16.16 42.56
CA ARG G 81 -13.25 -14.94 42.60
CA ARG G 81 -13.24 -14.94 42.58
C ARG G 81 -12.16 -15.04 43.67
N LYS G 82 -12.50 -15.64 44.80
CA LYS G 82 -11.54 -15.88 45.87
C LYS G 82 -10.32 -16.66 45.40
N ASP G 83 -10.52 -17.74 44.64
CA ASP G 83 -9.41 -18.53 44.10
C ASP G 83 -8.54 -17.69 43.16
N ALA G 84 -9.19 -16.86 42.33
CA ALA G 84 -8.45 -15.92 41.44
C ALA G 84 -7.60 -14.91 42.24
N ALA G 85 -8.18 -14.39 43.34
CA ALA G 85 -7.44 -13.52 44.24
C ALA G 85 -6.24 -14.29 44.86
N ALA G 86 -6.46 -15.54 45.31
CA ALA G 86 -5.36 -16.34 45.91
C ALA G 86 -4.19 -16.54 44.89
N HIS G 87 -4.51 -16.69 43.61
CA HIS G 87 -3.47 -16.86 42.55
C HIS G 87 -2.41 -15.74 42.62
N LYS G 88 -2.88 -14.51 42.83
CA LYS G 88 -2.02 -13.32 42.80
C LYS G 88 -1.13 -13.23 44.05
N GLU G 89 -1.38 -14.12 45.02
CA GLU G 89 -0.53 -14.19 46.20
C GLU G 89 0.49 -15.35 46.15
N THR G 90 0.45 -16.15 45.08
CA THR G 90 1.38 -17.27 44.95
C THR G 90 2.78 -16.84 44.59
N ALA G 91 3.74 -17.59 45.12
CA ALA G 91 5.16 -17.41 44.79
C ALA G 91 5.35 -17.46 43.27
N HIS G 92 4.74 -18.45 42.58
CA HIS G 92 4.89 -18.57 41.12
C HIS G 92 4.28 -17.42 40.33
N TYR G 93 3.15 -16.90 40.77
CA TYR G 93 2.64 -15.68 40.14
C TYR G 93 3.60 -14.51 40.30
N LEU G 94 4.05 -14.25 41.54
CA LEU G 94 4.95 -13.13 41.81
C LEU G 94 6.26 -13.26 41.04
N THR G 95 6.78 -14.49 40.93
CA THR G 95 7.99 -14.77 40.15
C THR G 95 7.76 -14.44 38.68
N TRP G 96 6.66 -14.95 38.13
CA TRP G 96 6.31 -14.68 36.77
C TRP G 96 6.17 -13.19 36.54
N ARG G 97 5.37 -12.50 37.38
CA ARG G 97 5.15 -11.07 37.25
C ARG G 97 6.47 -10.29 37.18
N ASP G 98 7.38 -10.57 38.12
CA ASP G 98 8.69 -9.89 38.14
C ASP G 98 9.60 -10.24 36.96
N THR G 99 9.51 -11.49 36.50
CA THR G 99 10.34 -12.02 35.43
C THR G 99 9.98 -11.40 34.07
N VAL G 100 8.68 -11.27 33.80
CA VAL G 100 8.20 -10.81 32.47
C VAL G 100 8.00 -9.29 32.40
N ALA G 101 8.28 -8.59 33.50
CA ALA G 101 7.94 -7.16 33.64
C ALA G 101 8.55 -6.30 32.52
N ASP G 102 9.81 -6.58 32.23
CA ASP G 102 10.56 -5.82 31.24
C ASP G 102 10.38 -6.37 29.82
N TRP G 103 9.48 -7.34 29.64
CA TRP G 103 9.31 -7.97 28.33
C TRP G 103 8.03 -7.58 27.63
N ALA G 105 5.38 -5.28 25.65
CA ALA G 105 5.38 -4.23 24.64
C ALA G 105 4.33 -3.17 25.01
N GLU G 106 3.26 -3.62 25.65
CA GLU G 106 2.29 -2.69 26.25
C GLU G 106 1.80 -3.27 27.58
N PRO G 107 1.15 -2.44 28.43
CA PRO G 107 0.65 -3.02 29.70
C PRO G 107 -0.36 -4.13 29.41
N ARG G 108 -0.24 -5.23 30.17
CA ARG G 108 -1.23 -6.33 30.07
C ARG G 108 -2.62 -5.86 30.45
N LYS G 109 -3.63 -6.40 29.78
CA LYS G 109 -5.03 -6.06 30.11
CA LYS G 109 -5.02 -6.06 30.12
C LYS G 109 -5.77 -7.33 30.50
N GLY G 110 -6.48 -7.28 31.61
CA GLY G 110 -7.28 -8.41 32.08
C GLY G 110 -8.76 -8.08 31.93
N VAL G 111 -9.54 -9.00 31.37
CA VAL G 111 -10.99 -8.78 31.26
C VAL G 111 -11.75 -9.90 31.99
N ILE G 112 -12.68 -9.51 32.85
CA ILE G 112 -13.35 -10.43 33.76
C ILE G 112 -14.71 -10.88 33.21
N TYR G 113 -14.97 -12.17 33.33
CA TYR G 113 -16.20 -12.83 32.85
C TYR G 113 -16.71 -13.74 33.92
N GLY G 114 -18.01 -14.00 33.90
CA GLY G 114 -18.59 -15.10 34.67
C GLY G 114 -18.90 -16.20 33.68
N GLY G 115 -18.63 -17.44 34.08
CA GLY G 115 -18.87 -18.59 33.23
C GLY G 115 -20.30 -19.04 33.40
N LEU G 116 -21.05 -19.03 32.30
CA LEU G 116 -22.40 -19.52 32.32
C LEU G 116 -22.45 -21.03 32.15
N TYR G 117 -21.63 -21.57 31.23
CA TYR G 117 -21.54 -23.01 30.94
C TYR G 117 -20.07 -23.33 30.68
N PRO G 118 -19.55 -24.49 31.14
CA PRO G 118 -20.25 -25.51 31.91
C PRO G 118 -20.72 -25.05 33.30
N THR G 119 -21.71 -25.78 33.81
CA THR G 119 -22.45 -25.40 34.99
C THR G 119 -22.06 -26.25 36.20
N GLY H 21 1.43 6.81 -15.39
CA GLY H 21 1.19 6.91 -16.85
C GLY H 21 1.88 5.74 -17.54
N HIS H 22 1.09 4.95 -18.27
CA HIS H 22 1.55 3.67 -18.77
C HIS H 22 1.04 3.32 -20.18
N TYR H 24 1.16 2.91 -23.94
CA TYR H 24 2.35 2.46 -24.67
C TYR H 24 2.25 3.01 -26.09
N VAL H 25 3.27 3.74 -26.55
CA VAL H 25 3.16 4.41 -27.82
C VAL H 25 4.38 4.09 -28.67
N THR H 26 4.15 3.76 -29.90
CA THR H 26 5.24 3.58 -30.85
C THR H 26 5.02 4.62 -31.95
N ILE H 27 6.01 5.51 -32.18
CA ILE H 27 5.92 6.41 -33.34
C ILE H 27 6.72 5.79 -34.48
N VAL H 28 6.04 5.48 -35.57
CA VAL H 28 6.67 4.82 -36.69
C VAL H 28 6.90 5.81 -37.81
N TYR H 29 8.15 5.90 -38.25
CA TYR H 29 8.55 6.84 -39.29
C TYR H 29 8.76 6.06 -40.57
N ALA H 30 8.02 6.45 -41.61
CA ALA H 30 8.14 5.81 -42.92
C ALA H 30 8.51 6.82 -44.02
N SER H 31 9.60 6.51 -44.71
CA SER H 31 9.98 7.24 -45.92
CA SER H 31 9.99 7.23 -45.92
C SER H 31 9.60 6.41 -47.14
N VAL H 32 8.71 6.96 -47.97
CA VAL H 32 8.13 6.19 -49.05
C VAL H 32 8.76 6.59 -50.39
N LYS H 33 8.94 5.62 -51.29
CA LYS H 33 9.40 5.93 -52.64
C LYS H 33 8.42 6.90 -53.34
N THR H 34 8.97 7.74 -54.23
CA THR H 34 8.19 8.86 -54.76
C THR H 34 6.89 8.50 -55.48
N ASP H 35 6.90 7.43 -56.25
CA ASP H 35 5.70 7.03 -57.00
C ASP H 35 4.78 6.02 -56.25
N LYS H 36 4.98 5.86 -54.94
CA LYS H 36 4.24 4.89 -54.12
C LYS H 36 3.40 5.59 -53.02
N THR H 37 3.38 6.93 -52.99
CA THR H 37 2.66 7.62 -51.92
C THR H 37 1.14 7.34 -51.89
N GLU H 38 0.48 7.33 -53.06
CA GLU H 38 -0.97 7.09 -53.06
C GLU H 38 -1.30 5.65 -52.62
N ALA H 39 -0.51 4.70 -53.09
CA ALA H 39 -0.66 3.30 -52.69
C ALA H 39 -0.35 3.09 -51.23
N PHE H 40 0.67 3.82 -50.73
CA PHE H 40 1.01 3.72 -49.32
C PHE H 40 -0.17 4.18 -48.46
N LYS H 41 -0.78 5.30 -48.84
CA LYS H 41 -1.94 5.83 -48.13
C LYS H 41 -3.09 4.82 -48.10
N GLU H 42 -3.36 4.18 -49.24
CA GLU H 42 -4.46 3.21 -49.29
C GLU H 42 -4.18 1.94 -48.47
N ALA H 43 -2.98 1.38 -48.63
CA ALA H 43 -2.60 0.19 -47.83
C ALA H 43 -2.68 0.50 -46.32
N THR H 44 -2.25 1.70 -45.94
CA THR H 44 -2.21 2.10 -44.52
C THR H 44 -3.60 2.42 -43.96
N ARG H 45 -4.47 2.92 -44.83
CA ARG H 45 -5.90 3.13 -44.48
C ARG H 45 -6.48 1.81 -43.98
N ASN H 47 -4.96 -0.82 -42.82
CA ASN H 47 -4.31 -1.09 -41.47
C ASN H 47 -4.95 -0.23 -40.36
N HIS H 48 -5.06 1.08 -40.57
CA HIS H 48 -5.72 1.96 -39.58
C HIS H 48 -7.15 1.47 -39.23
N GLU H 49 -7.97 1.19 -40.22
CA GLU H 49 -9.39 0.90 -39.98
C GLU H 49 -9.59 -0.34 -39.12
N GLN H 50 -8.70 -1.31 -39.30
CA GLN H 50 -8.73 -2.53 -38.49
C GLN H 50 -8.04 -2.32 -37.09
N SER H 51 -6.99 -1.53 -37.07
CA SER H 51 -6.21 -1.36 -35.87
C SER H 51 -6.90 -0.56 -34.77
N ILE H 52 -7.72 0.40 -35.17
CA ILE H 52 -8.49 1.17 -34.18
C ILE H 52 -9.58 0.31 -33.51
N ARG H 53 -9.84 -0.87 -34.08
CA ARG H 53 -10.83 -1.81 -33.53
C ARG H 53 -10.23 -2.82 -32.54
N GLU H 54 -8.90 -2.88 -32.50
CA GLU H 54 -8.15 -3.73 -31.58
C GLU H 54 -8.38 -3.34 -30.11
N PRO H 55 -8.63 -4.35 -29.24
CA PRO H 55 -8.76 -4.04 -27.82
C PRO H 55 -7.55 -3.25 -27.31
N GLY H 56 -7.84 -2.13 -26.68
CA GLY H 56 -6.83 -1.33 -26.03
C GLY H 56 -6.21 -0.28 -26.91
N ASN H 57 -6.63 -0.22 -28.18
CA ASN H 57 -6.08 0.81 -29.06
C ASN H 57 -6.63 2.16 -28.64
N ARG H 59 -4.88 5.32 -30.07
CA ARG H 59 -4.69 6.03 -31.37
C ARG H 59 -4.04 5.08 -32.34
N PHE H 60 -4.33 5.33 -33.62
CA PHE H 60 -3.59 4.73 -34.73
C PHE H 60 -3.57 5.80 -35.85
N ASP H 61 -3.08 6.99 -35.48
CA ASP H 61 -3.17 8.13 -36.36
C ASP H 61 -2.21 7.94 -37.54
N ILE H 62 -2.66 8.32 -38.72
CA ILE H 62 -1.80 8.20 -39.91
C ILE H 62 -1.55 9.61 -40.42
N LEU H 63 -0.28 9.98 -40.53
CA LEU H 63 0.10 11.40 -40.74
C LEU H 63 1.04 11.50 -41.95
N GLN H 64 0.94 12.62 -42.69
CA GLN H 64 1.85 12.91 -43.76
C GLN H 64 2.56 14.20 -43.39
N SER H 65 3.87 14.17 -43.50
CA SER H 65 4.69 15.37 -43.21
C SER H 65 4.31 16.55 -44.13
N ALA H 66 4.16 17.75 -43.54
CA ALA H 66 3.89 18.96 -44.36
C ALA H 66 5.18 19.40 -45.07
N ASP H 67 6.34 19.06 -44.47
CA ASP H 67 7.64 19.37 -45.09
C ASP H 67 8.04 18.53 -46.30
N ASP H 68 7.66 17.26 -46.32
CA ASP H 68 8.07 16.31 -47.37
C ASP H 68 6.93 15.28 -47.50
N PRO H 69 6.19 15.30 -48.63
CA PRO H 69 4.98 14.50 -48.80
C PRO H 69 5.30 13.01 -48.93
N THR H 70 6.59 12.65 -49.06
CA THR H 70 6.96 11.23 -49.02
C THR H 70 7.21 10.67 -47.62
N ARG H 71 7.12 11.53 -46.59
CA ARG H 71 7.40 11.05 -45.21
C ARG H 71 6.11 11.01 -44.45
N PHE H 72 5.87 9.87 -43.78
CA PHE H 72 4.65 9.57 -43.08
C PHE H 72 5.01 9.11 -41.68
N VAL H 73 4.03 9.28 -40.79
CA VAL H 73 4.08 8.74 -39.42
C VAL H 73 2.84 7.94 -39.10
N LEU H 74 3.07 6.78 -38.49
CA LEU H 74 1.99 6.03 -37.87
C LEU H 74 2.18 6.20 -36.33
N TYR H 75 1.19 6.80 -35.70
CA TYR H 75 1.25 7.10 -34.25
C TYR H 75 0.38 6.06 -33.59
N GLU H 76 1.00 4.99 -33.04
CA GLU H 76 0.26 3.79 -32.58
C GLU H 76 0.29 3.75 -31.05
N ALA H 77 -0.84 3.98 -30.41
CA ALA H 77 -0.91 4.11 -28.97
C ALA H 77 -1.90 3.11 -28.41
N TYR H 78 -1.51 2.46 -27.35
CA TYR H 78 -2.32 1.39 -26.74
C TYR H 78 -2.36 1.56 -25.21
N LYS H 79 -3.44 1.01 -24.59
CA LYS H 79 -3.65 1.13 -23.15
C LYS H 79 -2.47 0.43 -22.46
N THR H 80 -2.04 -0.70 -23.02
CA THR H 80 -0.89 -1.40 -22.41
C THR H 80 0.12 -1.90 -23.45
N ARG H 81 1.33 -2.18 -23.00
CA ARG H 81 2.34 -2.81 -23.85
C ARG H 81 1.80 -4.14 -24.42
N LYS H 82 1.02 -4.88 -23.61
CA LYS H 82 0.51 -6.22 -24.06
C LYS H 82 -0.39 -6.03 -25.28
N ASP H 83 -1.29 -5.05 -25.24
CA ASP H 83 -2.15 -4.75 -26.41
C ASP H 83 -1.33 -4.40 -27.66
N ALA H 84 -0.29 -3.56 -27.47
CA ALA H 84 0.64 -3.21 -28.55
C ALA H 84 1.30 -4.45 -29.17
N ALA H 85 1.75 -5.40 -28.31
CA ALA H 85 2.36 -6.65 -28.77
C ALA H 85 1.41 -7.46 -29.65
N ALA H 86 0.13 -7.45 -29.29
CA ALA H 86 -0.89 -8.15 -30.08
C ALA H 86 -1.08 -7.63 -31.52
N HIS H 87 -0.89 -6.33 -31.72
CA HIS H 87 -1.06 -5.75 -33.05
C HIS H 87 -0.17 -6.43 -34.09
N LYS H 88 1.05 -6.82 -33.68
CA LYS H 88 2.02 -7.35 -34.61
C LYS H 88 1.71 -8.81 -34.95
N GLU H 89 0.71 -9.39 -34.29
CA GLU H 89 0.23 -10.72 -34.61
C GLU H 89 -1.05 -10.75 -35.46
N THR H 90 -1.60 -9.57 -35.82
CA THR H 90 -2.87 -9.47 -36.53
C THR H 90 -2.69 -9.67 -38.05
N ALA H 91 -3.71 -10.23 -38.69
CA ALA H 91 -3.69 -10.43 -40.16
C ALA H 91 -3.50 -9.10 -40.90
N HIS H 92 -4.16 -8.05 -40.43
CA HIS H 92 -4.07 -6.74 -41.12
C HIS H 92 -2.66 -6.15 -41.01
N TYR H 93 -2.01 -6.28 -39.84
CA TYR H 93 -0.62 -5.85 -39.74
C TYR H 93 0.31 -6.59 -40.72
N LEU H 94 0.22 -7.90 -40.71
CA LEU H 94 1.08 -8.74 -41.54
C LEU H 94 0.90 -8.46 -43.02
N THR H 95 -0.36 -8.22 -43.42
CA THR H 95 -0.66 -7.87 -44.79
C THR H 95 -0.09 -6.51 -45.15
N TRP H 96 -0.25 -5.54 -44.25
CA TRP H 96 0.31 -4.20 -44.48
C TRP H 96 1.82 -4.32 -44.62
N ARG H 97 2.47 -5.00 -43.67
CA ARG H 97 3.94 -5.09 -43.68
C ARG H 97 4.44 -5.67 -45.03
N ASP H 98 3.83 -6.78 -45.45
CA ASP H 98 4.18 -7.38 -46.75
C ASP H 98 3.89 -6.49 -47.97
N THR H 99 2.76 -5.79 -47.96
CA THR H 99 2.40 -4.90 -49.07
C THR H 99 3.37 -3.71 -49.24
N VAL H 100 3.73 -3.04 -48.14
CA VAL H 100 4.47 -1.77 -48.23
C VAL H 100 5.99 -2.00 -48.28
N ALA H 101 6.42 -3.24 -48.06
CA ALA H 101 7.85 -3.57 -47.89
C ALA H 101 8.74 -2.99 -49.00
N ASP H 102 8.35 -3.23 -50.25
CA ASP H 102 9.11 -2.76 -51.40
C ASP H 102 8.96 -1.29 -51.76
N TRP H 103 8.10 -0.58 -51.02
CA TRP H 103 7.82 0.82 -51.29
C TRP H 103 8.62 1.75 -50.38
N ALA H 105 11.63 3.79 -49.07
CA ALA H 105 12.84 4.40 -49.62
C ALA H 105 14.03 4.14 -48.69
N GLU H 106 13.75 3.84 -47.43
CA GLU H 106 14.74 3.40 -46.45
C GLU H 106 13.98 2.67 -45.37
N PRO H 107 14.68 1.84 -44.55
CA PRO H 107 14.06 1.11 -43.44
C PRO H 107 13.21 2.02 -42.55
N ARG H 108 12.01 1.60 -42.20
CA ARG H 108 11.15 2.32 -41.24
C ARG H 108 11.82 2.28 -39.88
N LYS H 109 11.58 3.30 -39.04
CA LYS H 109 12.09 3.32 -37.67
C LYS H 109 10.89 3.46 -36.74
N GLY H 110 10.77 2.55 -35.76
CA GLY H 110 9.81 2.74 -34.67
C GLY H 110 10.52 3.18 -33.41
N VAL H 111 9.97 4.22 -32.77
CA VAL H 111 10.52 4.78 -31.54
C VAL H 111 9.47 4.59 -30.42
N ILE H 112 9.87 3.94 -29.33
CA ILE H 112 8.93 3.57 -28.26
C ILE H 112 8.91 4.64 -27.15
N TYR H 113 7.70 4.96 -26.68
CA TYR H 113 7.45 5.92 -25.60
C TYR H 113 6.48 5.38 -24.61
N GLY H 114 6.57 5.89 -23.39
CA GLY H 114 5.50 5.69 -22.38
C GLY H 114 4.70 6.97 -22.39
N GLY H 115 3.39 6.85 -22.37
CA GLY H 115 2.55 8.05 -22.36
C GLY H 115 2.36 8.41 -20.90
N LEU H 116 2.90 9.56 -20.52
CA LEU H 116 2.73 10.07 -19.15
C LEU H 116 1.32 10.62 -18.90
N TYR H 117 0.82 11.37 -19.88
CA TYR H 117 -0.50 11.98 -19.87
C TYR H 117 -1.08 11.82 -21.28
N PRO H 118 -2.36 11.44 -21.42
CA PRO H 118 -3.31 11.19 -20.31
C PRO H 118 -2.94 9.95 -19.49
N THR H 119 -3.25 9.97 -18.19
CA THR H 119 -2.71 8.97 -17.26
C THR H 119 -3.42 7.63 -17.39
#